data_7D3J
#
_entry.id   7D3J
#
_cell.length_a   129.801
_cell.length_b   141.974
_cell.length_c   208.296
_cell.angle_alpha   90.000
_cell.angle_beta   90.000
_cell.angle_gamma   90.000
#
_symmetry.space_group_name_H-M   'C 2 2 21'
#
loop_
_entity.id
_entity.type
_entity.pdbx_description
1 polymer 12i1-WT
2 polymer 'RNA (43-MER)'
3 polymer 'DNA (28-MER)'
4 polymer 'DNA (23-MER)'
5 non-polymer 'CITRIC ACID'
6 water water
#
loop_
_entity_poly.entity_id
_entity_poly.type
_entity_poly.pdbx_seq_one_letter_code
_entity_poly.pdbx_strand_id
1 'polypeptide(L)'
;MSNKEKNASETRKAYTTKMIPRSHDRMKLLGNFMDYLMDGTPIFFELWNQFGGGIDRDIISGTANKDKISDDLLLAVNWF
KVMPINSKPQGVSPSNLANLFQQYSGSEPDIQAQEYFASNFDTEKHQWKDMRVEYERLLAELQLSRSDMHHDLKLMYKEK
CIGLSLSTAHYITSVMFGTGAKNNRQTKHQFYSKVIQLLEESTQINSVEQLASIILKAGDCDSYRKLRIRCSRKGATPSI
LKIVQDYELGTNHDDEVNVPSLIANLKEKLGRFEYECEWKCMEKIKAFLASKVGPYYLGSYSAMLENALSPIKGMTTKNC
KFVLKQIDAKNDIKYENEPFGKIVEGFFDSPYFESDTNVKWVLHPHHIGESNIKTLWEDLNAIHSKYEEDIASLSEDKKE
KRIKVYQGDVCQTINTYCEEVGKEAKTPLVQLLRYLYSRKDDIAVDKIIDGITFLSKKHKVEKQKINPVIQKYPSFNFGN
NSKLLGKIISPKDKLKHNLKCNRNQVDNYIWIEIKVLNTKTMRWEKHHYALSSTRFLEEVYYPATSENPPDALAARFRTK
TNGYEGKPALSAEQIEQIRSAPVGLRKVKKRQMRLEAARQQNLLPRYTWGKDFNINICKRGNNFEVTLATKVKKKKEKNY
KVVLGYDANIVRKNTYAAIEAHANGDGVIDYNDLPVKPIESGFVTVESQVRDKSYDQLSYNGVKLLYCKPHVESRRSFLE
KYRNGTMKDNRGNNIQIDFMKDFEAIADDETSLYYFNMKYCKLLQSSIRNHSSQAKEYREEIFELLRDGKLSVLKLSSLS
NLSFVMFKVAKSLIGTYFGHLLKKPKNSKSDVKAPPITDEDKQKADPEMFALRLALEEKRLNKVKSKKEVIANKIVAKAL
ELRDKYGPVLIKGENISDTTKKGKKSSTNSFLMDWLARGVANKVKEMVMMHQGLEFVEVNPNFTSHQDPFVHKNPENTFR
ARYSRCTPSELTEKNRKEILSFLSDKPSKRPTNAYYNEGAMAFLATYGLKKNDVLGVSLEKFKQIMANILHQRSEDQLLF
PSRGGMFYLATYKLDADATSVNWNGKQFWVCNADLVAAYNVGLVDIQKDFKKKLEHHHHHH
;
A
2 'polyribonucleotide' AUUUUUGUGCCCAUCGUUGGCACUAUUAAGGAAUGGAAUAUAG B
3 'polydeoxyribonucleotide'
;(DG)(DG)(DG)(DG)(DG)(DA)(DG)(DC)(DT)(DT)(DG)(DC)(DT)(DA)(DT)(DA)(DT)(DT)(DC)(DC)
(DA)(DT)(DT)(DC)(DC)(DT)(DT)(DA)(DA)(DT)(DA)(DG)(DA)(DA)(DC)(DT)(DA)(DG)(DA)(DC)
;
C
4 'polydeoxyribonucleotide'
;(DG)(DT)(DC)(DT)(DA)(DG)(DT)(DT)(DC)(DT)(DA)(DT)(DT)(DA)(DA)(DA)(DA)(DG)(DG)(DC)
(DA)(DA)(DG)(DG)(DC)(DG)(DC)(DT)(DG)(DC)(DA)(DA)(DG)(DC)(DT)(DC)(DC)(DC)(DC)(DC)
;
D
#
# COMPACT_ATOMS: atom_id res chain seq x y z
N ASN A 7 13.69 -4.43 20.39
CA ASN A 7 14.94 -3.94 19.72
C ASN A 7 15.22 -4.77 18.46
N ALA A 8 15.11 -6.09 18.54
CA ALA A 8 15.36 -6.94 17.35
C ALA A 8 14.30 -6.64 16.28
N SER A 9 14.75 -6.45 15.04
CA SER A 9 13.88 -6.18 13.88
C SER A 9 14.20 -7.23 12.82
N GLU A 10 13.20 -7.77 12.14
CA GLU A 10 13.52 -8.79 11.12
C GLU A 10 12.76 -8.49 9.84
N THR A 11 13.40 -8.68 8.70
CA THR A 11 12.79 -8.55 7.36
C THR A 11 13.41 -9.59 6.43
N ARG A 12 12.91 -9.70 5.21
CA ARG A 12 13.51 -10.67 4.29
C ARG A 12 13.86 -9.95 2.99
N LYS A 13 14.93 -10.37 2.34
CA LYS A 13 15.28 -9.84 1.02
C LYS A 13 15.20 -11.02 0.07
N ALA A 14 14.53 -10.84 -1.05
CA ALA A 14 14.36 -11.95 -2.01
C ALA A 14 15.14 -11.71 -3.30
N TYR A 15 15.64 -12.79 -3.88
CA TYR A 15 16.30 -12.73 -5.20
C TYR A 15 15.50 -13.62 -6.14
N THR A 16 14.91 -13.05 -7.18
CA THR A 16 14.22 -13.85 -8.19
C THR A 16 15.28 -14.46 -9.10
N THR A 17 15.01 -15.64 -9.64
CA THR A 17 15.98 -16.34 -10.48
C THR A 17 15.28 -16.96 -11.69
N LYS A 18 16.07 -17.37 -12.67
CA LYS A 18 15.54 -18.08 -13.85
C LYS A 18 16.01 -19.52 -13.74
N MET A 19 15.10 -20.46 -13.83
CA MET A 19 15.56 -21.86 -13.76
C MET A 19 16.25 -22.16 -15.09
N ILE A 20 17.47 -22.66 -15.05
CA ILE A 20 18.18 -23.05 -16.29
C ILE A 20 17.94 -24.55 -16.40
N PRO A 21 17.10 -25.03 -17.33
CA PRO A 21 16.75 -26.44 -17.36
C PRO A 21 17.81 -27.49 -17.70
N ARG A 22 17.77 -28.58 -16.98
CA ARG A 22 18.60 -29.77 -17.21
C ARG A 22 17.85 -30.67 -18.18
N SER A 23 18.14 -31.96 -18.20
CA SER A 23 17.46 -32.83 -19.19
C SER A 23 15.96 -32.85 -18.91
N HIS A 24 15.16 -33.13 -19.92
CA HIS A 24 13.69 -33.08 -19.78
C HIS A 24 13.25 -34.06 -18.69
N ASP A 25 13.89 -35.21 -18.64
CA ASP A 25 13.57 -36.27 -17.65
C ASP A 25 13.88 -35.77 -16.25
N ARG A 26 14.96 -35.04 -16.07
CA ARG A 26 15.35 -34.50 -14.75
C ARG A 26 14.33 -33.46 -14.31
N MET A 27 13.95 -32.58 -15.22
CA MET A 27 12.95 -31.52 -14.96
C MET A 27 11.58 -32.16 -14.72
N LYS A 28 11.30 -33.26 -15.40
CA LYS A 28 10.01 -33.95 -15.22
C LYS A 28 9.93 -34.51 -13.80
N LEU A 29 11.03 -35.02 -13.28
CA LEU A 29 11.01 -35.58 -11.90
C LEU A 29 10.70 -34.46 -10.91
N LEU A 30 11.32 -33.29 -11.10
CA LEU A 30 11.02 -32.13 -10.22
C LEU A 30 9.59 -31.68 -10.44
N GLY A 31 9.14 -31.63 -11.69
CA GLY A 31 7.78 -31.18 -12.00
C GLY A 31 6.76 -32.12 -11.39
N ASN A 32 7.03 -33.41 -11.45
CA ASN A 32 6.11 -34.44 -10.92
C ASN A 32 5.99 -34.26 -9.40
N PHE A 33 7.08 -33.94 -8.73
CA PHE A 33 7.07 -33.72 -7.28
C PHE A 33 6.25 -32.48 -6.92
N MET A 34 6.46 -31.39 -7.65
CA MET A 34 5.72 -30.13 -7.42
C MET A 34 4.24 -30.38 -7.67
N ASP A 35 3.91 -31.16 -8.69
CA ASP A 35 2.51 -31.50 -9.04
C ASP A 35 1.92 -32.29 -7.89
N TYR A 36 2.70 -33.18 -7.32
CA TYR A 36 2.26 -34.03 -6.19
C TYR A 36 1.94 -33.16 -4.98
N LEU A 37 2.81 -32.22 -4.63
CA LEU A 37 2.55 -31.32 -3.48
C LEU A 37 1.31 -30.45 -3.74
N MET A 38 1.20 -29.88 -4.95
CA MET A 38 0.06 -29.02 -5.31
C MET A 38 -1.24 -29.83 -5.29
N ASP A 39 -1.23 -31.04 -5.83
CA ASP A 39 -2.45 -31.88 -5.86
C ASP A 39 -2.87 -32.22 -4.43
N GLY A 40 -1.90 -32.42 -3.55
CA GLY A 40 -2.06 -32.76 -2.13
C GLY A 40 -2.63 -31.67 -1.26
N THR A 41 -2.29 -30.41 -1.54
CA THR A 41 -2.63 -29.29 -0.64
C THR A 41 -4.14 -29.16 -0.42
N PRO A 42 -5.00 -29.30 -1.43
CA PRO A 42 -6.44 -29.15 -1.22
C PRO A 42 -7.05 -30.18 -0.26
N ILE A 43 -6.44 -31.36 -0.13
CA ILE A 43 -6.95 -32.41 0.79
C ILE A 43 -6.80 -31.97 2.24
N PHE A 44 -5.67 -31.34 2.57
CA PHE A 44 -5.42 -30.80 3.92
C PHE A 44 -6.38 -29.64 4.19
N PHE A 45 -6.66 -28.86 3.17
CA PHE A 45 -7.57 -27.70 3.29
C PHE A 45 -8.97 -28.19 3.64
N GLU A 46 -9.44 -29.21 2.95
CA GLU A 46 -10.77 -29.80 3.19
C GLU A 46 -10.81 -30.44 4.57
N LEU A 47 -9.78 -31.17 4.93
CA LEU A 47 -9.72 -31.87 6.24
C LEU A 47 -9.69 -30.86 7.37
N TRP A 48 -8.89 -29.81 7.27
CA TRP A 48 -8.83 -28.79 8.35
C TRP A 48 -10.16 -28.06 8.48
N ASN A 49 -10.89 -27.87 7.39
CA ASN A 49 -12.20 -27.24 7.47
C ASN A 49 -13.17 -28.14 8.25
N GLN A 50 -13.07 -29.44 8.04
CA GLN A 50 -13.89 -30.43 8.77
C GLN A 50 -13.51 -30.42 10.25
N PHE A 51 -12.23 -30.30 10.55
CA PHE A 51 -11.76 -30.28 11.96
C PHE A 51 -12.37 -29.07 12.67
N GLY A 52 -12.37 -27.93 12.01
CA GLY A 52 -12.93 -26.67 12.55
C GLY A 52 -14.40 -26.81 12.86
N GLY A 53 -15.11 -27.58 12.04
CA GLY A 53 -16.55 -27.82 12.17
C GLY A 53 -16.93 -28.59 13.41
N GLY A 54 -15.96 -29.31 13.98
CA GLY A 54 -16.18 -30.17 15.16
C GLY A 54 -15.92 -29.45 16.46
N ILE A 55 -15.58 -28.17 16.36
CA ILE A 55 -15.30 -27.33 17.56
C ILE A 55 -16.60 -27.14 18.30
N ASP A 56 -16.54 -27.04 19.62
CA ASP A 56 -17.75 -26.82 20.43
C ASP A 56 -17.35 -26.14 21.73
N ARG A 57 -18.34 -25.83 22.56
CA ARG A 57 -18.13 -25.11 23.83
C ARG A 57 -17.22 -25.92 24.74
N ASP A 58 -17.32 -27.23 24.70
CA ASP A 58 -16.46 -28.07 25.56
C ASP A 58 -14.99 -27.90 25.19
N ILE A 59 -14.68 -27.89 23.91
CA ILE A 59 -13.27 -27.80 23.41
C ILE A 59 -12.64 -26.46 23.78
N ILE A 60 -13.39 -25.37 23.68
CA ILE A 60 -12.84 -24.01 23.92
C ILE A 60 -12.99 -23.60 25.38
N SER A 61 -13.39 -24.53 26.24
CA SER A 61 -13.64 -24.22 27.67
C SER A 61 -12.37 -23.69 28.31
N GLY A 62 -12.50 -22.67 29.14
CA GLY A 62 -11.33 -22.11 29.85
C GLY A 62 -10.17 -21.83 28.91
N THR A 63 -10.42 -21.06 27.85
CA THR A 63 -9.36 -20.71 26.87
C THR A 63 -8.71 -19.38 27.27
N ALA A 64 -8.09 -18.68 26.31
CA ALA A 64 -7.43 -17.38 26.58
C ALA A 64 -8.43 -16.24 26.34
N ASN A 65 -7.98 -14.99 26.50
CA ASN A 65 -8.83 -13.80 26.30
C ASN A 65 -8.87 -13.45 24.81
N LYS A 66 -7.94 -14.01 24.03
CA LYS A 66 -7.86 -13.76 22.57
C LYS A 66 -7.89 -12.24 22.31
N ASP A 67 -8.78 -11.80 21.40
CA ASP A 67 -8.89 -10.36 21.06
C ASP A 67 -10.36 -9.93 21.21
N LYS A 68 -10.86 -9.88 22.45
CA LYS A 68 -12.26 -9.47 22.73
C LYS A 68 -13.22 -10.28 21.85
N ILE A 69 -12.77 -11.46 21.38
CA ILE A 69 -13.62 -12.31 20.52
C ILE A 69 -14.45 -13.17 21.45
N SER A 70 -15.76 -13.15 21.26
CA SER A 70 -16.66 -13.96 22.11
C SER A 70 -16.58 -15.44 21.73
N ASP A 71 -17.01 -16.30 22.65
CA ASP A 71 -17.00 -17.76 22.44
C ASP A 71 -17.90 -18.07 21.25
N ASP A 72 -18.99 -17.33 21.14
CA ASP A 72 -19.98 -17.51 20.05
C ASP A 72 -19.33 -17.18 18.70
N LEU A 73 -18.59 -16.08 18.62
CA LEU A 73 -17.93 -15.69 17.35
C LEU A 73 -16.92 -16.75 16.96
N LEU A 74 -16.12 -17.22 17.91
CA LEU A 74 -15.08 -18.22 17.62
C LEU A 74 -15.75 -19.48 17.08
N LEU A 75 -16.87 -19.86 17.65
CA LEU A 75 -17.58 -21.07 17.16
C LEU A 75 -18.16 -20.82 15.78
N ALA A 76 -18.81 -19.68 15.58
CA ALA A 76 -19.50 -19.37 14.31
C ALA A 76 -18.51 -19.33 13.14
N VAL A 77 -17.36 -18.72 13.33
CA VAL A 77 -16.32 -18.63 12.27
C VAL A 77 -15.82 -20.01 11.89
N ASN A 78 -15.76 -20.94 12.85
CA ASN A 78 -15.38 -22.35 12.57
C ASN A 78 -16.50 -23.14 11.90
N TRP A 79 -17.72 -22.99 12.37
CA TRP A 79 -18.93 -23.68 11.86
C TRP A 79 -19.39 -23.17 10.51
N PHE A 80 -19.32 -21.87 10.29
CA PHE A 80 -19.85 -21.30 9.03
C PHE A 80 -18.81 -20.41 8.38
N LYS A 81 -18.65 -20.55 7.07
CA LYS A 81 -17.68 -19.77 6.30
C LYS A 81 -18.30 -19.41 4.95
N VAL A 82 -17.85 -18.34 4.35
CA VAL A 82 -18.35 -17.97 3.00
C VAL A 82 -17.28 -18.46 2.02
N MET A 83 -17.69 -19.30 1.10
CA MET A 83 -16.77 -19.95 0.13
C MET A 83 -17.40 -19.93 -1.25
N PRO A 84 -16.65 -20.27 -2.31
CA PRO A 84 -17.20 -20.24 -3.65
C PRO A 84 -18.38 -21.22 -3.70
N ILE A 85 -19.40 -20.88 -4.48
CA ILE A 85 -20.65 -21.68 -4.56
C ILE A 85 -20.31 -23.08 -5.06
N ASN A 86 -19.31 -23.20 -5.91
CA ASN A 86 -18.97 -24.50 -6.55
C ASN A 86 -18.05 -25.34 -5.68
N SER A 87 -17.86 -24.92 -4.43
CA SER A 87 -17.04 -25.61 -3.43
C SER A 87 -17.77 -26.86 -2.96
N LYS A 88 -17.05 -27.89 -2.50
CA LYS A 88 -17.69 -29.14 -2.06
C LYS A 88 -18.63 -28.95 -0.87
N PRO A 89 -18.35 -28.14 0.15
CA PRO A 89 -19.26 -28.04 1.28
C PRO A 89 -20.62 -27.54 0.79
N GLN A 90 -21.72 -28.04 1.36
CA GLN A 90 -23.05 -27.60 0.88
C GLN A 90 -23.39 -26.23 1.42
N GLY A 91 -24.08 -25.45 0.59
CA GLY A 91 -24.50 -24.08 0.90
C GLY A 91 -25.61 -24.03 1.92
N VAL A 92 -25.66 -22.90 2.64
CA VAL A 92 -26.67 -22.64 3.70
C VAL A 92 -27.27 -21.27 3.41
N SER A 93 -28.55 -21.09 3.66
CA SER A 93 -29.14 -19.75 3.45
C SER A 93 -28.75 -18.86 4.63
N PRO A 94 -28.58 -17.56 4.43
CA PRO A 94 -28.24 -16.65 5.51
C PRO A 94 -29.29 -16.65 6.63
N SER A 95 -30.55 -16.85 6.27
CA SER A 95 -31.65 -16.83 7.26
C SER A 95 -31.59 -18.06 8.18
N ASN A 96 -30.82 -19.08 7.81
CA ASN A 96 -30.75 -20.31 8.63
C ASN A 96 -29.52 -20.31 9.54
N LEU A 97 -28.64 -19.33 9.44
CA LEU A 97 -27.40 -19.39 10.24
C LEU A 97 -27.70 -19.35 11.73
N ALA A 98 -28.57 -18.46 12.17
CA ALA A 98 -28.88 -18.40 13.61
C ALA A 98 -29.52 -19.71 14.08
N ASN A 99 -30.43 -20.27 13.29
CA ASN A 99 -31.13 -21.52 13.66
C ASN A 99 -30.11 -22.65 13.79
N LEU A 100 -29.24 -22.80 12.80
CA LEU A 100 -28.21 -23.86 12.83
C LEU A 100 -27.26 -23.62 14.00
N PHE A 101 -26.95 -22.36 14.26
CA PHE A 101 -26.03 -22.07 15.38
C PHE A 101 -26.68 -22.50 16.70
N GLN A 102 -27.95 -22.21 16.88
CA GLN A 102 -28.65 -22.58 18.11
C GLN A 102 -28.66 -24.10 18.24
N GLN A 103 -28.94 -24.79 17.14
CA GLN A 103 -29.01 -26.26 17.19
C GLN A 103 -27.66 -26.84 17.57
N TYR A 104 -26.56 -26.38 16.96
CA TYR A 104 -25.22 -26.91 17.31
C TYR A 104 -24.76 -26.44 18.68
N SER A 105 -24.87 -25.14 18.93
CA SER A 105 -24.47 -24.47 20.18
C SER A 105 -25.36 -24.81 21.37
N GLY A 106 -26.66 -24.88 21.16
CA GLY A 106 -27.62 -25.12 22.26
C GLY A 106 -28.18 -23.80 22.75
N SER A 107 -27.62 -22.69 22.28
CA SER A 107 -28.10 -21.33 22.63
C SER A 107 -28.13 -20.47 21.36
N GLU A 108 -28.95 -19.43 21.36
CA GLU A 108 -29.04 -18.55 20.17
C GLU A 108 -27.79 -17.67 20.13
N PRO A 109 -27.35 -17.16 18.96
CA PRO A 109 -26.13 -16.37 18.87
C PRO A 109 -26.13 -14.96 19.50
N ASP A 110 -24.95 -14.58 19.99
CA ASP A 110 -24.66 -13.25 20.58
C ASP A 110 -24.49 -12.24 19.47
N ILE A 111 -24.22 -10.98 19.81
CA ILE A 111 -24.11 -9.89 18.81
C ILE A 111 -22.95 -10.13 17.85
N GLN A 112 -21.83 -10.63 18.36
CA GLN A 112 -20.67 -10.84 17.46
C GLN A 112 -21.02 -11.86 16.40
N ALA A 113 -21.52 -13.02 16.80
CA ALA A 113 -21.90 -14.06 15.82
C ALA A 113 -23.03 -13.51 14.95
N GLN A 114 -23.92 -12.73 15.54
CA GLN A 114 -25.03 -12.16 14.75
C GLN A 114 -24.48 -11.22 13.68
N GLU A 115 -23.50 -10.41 14.04
CA GLU A 115 -22.91 -9.46 13.06
C GLU A 115 -22.24 -10.24 11.94
N TYR A 116 -21.57 -11.33 12.29
CA TYR A 116 -20.86 -12.16 11.28
C TYR A 116 -21.88 -12.71 10.29
N PHE A 117 -23.01 -13.19 10.79
CA PHE A 117 -24.07 -13.77 9.95
C PHE A 117 -24.67 -12.71 9.02
N ALA A 118 -24.78 -11.48 9.50
CA ALA A 118 -25.38 -10.37 8.75
C ALA A 118 -24.45 -9.83 7.66
N SER A 119 -23.20 -10.26 7.65
CA SER A 119 -22.16 -9.72 6.74
C SER A 119 -22.51 -9.88 5.26
N ASN A 120 -22.26 -8.82 4.51
CA ASN A 120 -22.49 -8.72 3.05
C ASN A 120 -21.47 -9.59 2.31
N PHE A 121 -21.87 -10.10 1.15
CA PHE A 121 -21.01 -10.93 0.28
C PHE A 121 -21.58 -10.94 -1.13
N ASP A 122 -20.80 -11.31 -2.13
CA ASP A 122 -21.37 -11.33 -3.49
C ASP A 122 -22.15 -12.63 -3.63
N THR A 123 -23.45 -12.49 -3.78
CA THR A 123 -24.42 -13.59 -3.88
C THR A 123 -24.21 -14.42 -5.15
N GLU A 124 -23.58 -13.85 -6.18
CA GLU A 124 -23.40 -14.61 -7.44
C GLU A 124 -22.11 -15.42 -7.46
N LYS A 125 -21.16 -15.15 -6.57
CA LYS A 125 -19.89 -15.93 -6.58
C LYS A 125 -19.74 -16.81 -5.34
N HIS A 126 -20.17 -16.32 -4.19
CA HIS A 126 -19.94 -17.04 -2.92
C HIS A 126 -21.24 -17.27 -2.18
N GLN A 127 -21.23 -18.18 -1.22
CA GLN A 127 -22.40 -18.49 -0.38
C GLN A 127 -21.92 -19.05 0.96
N TRP A 128 -22.77 -18.98 1.97
CA TRP A 128 -22.41 -19.53 3.30
C TRP A 128 -22.29 -21.04 3.23
N LYS A 129 -21.35 -21.61 3.97
CA LYS A 129 -21.15 -23.07 3.97
C LYS A 129 -21.21 -23.60 5.40
N ASP A 130 -21.82 -24.77 5.60
CA ASP A 130 -21.95 -25.38 6.93
C ASP A 130 -20.78 -26.34 7.14
N MET A 131 -19.83 -25.96 7.99
CA MET A 131 -18.63 -26.78 8.21
C MET A 131 -18.92 -27.85 9.25
N ARG A 132 -19.97 -27.66 10.04
CA ARG A 132 -20.36 -28.69 11.03
C ARG A 132 -20.82 -29.91 10.23
N VAL A 133 -21.58 -29.70 9.17
CA VAL A 133 -22.03 -30.78 8.26
C VAL A 133 -20.81 -31.45 7.62
N GLU A 134 -19.77 -30.68 7.29
CA GLU A 134 -18.52 -31.20 6.72
C GLU A 134 -17.84 -32.09 7.76
N TYR A 135 -17.90 -31.69 9.02
CA TYR A 135 -17.31 -32.48 10.13
C TYR A 135 -18.12 -33.75 10.36
N GLU A 136 -19.42 -33.72 10.07
CA GLU A 136 -20.27 -34.92 10.21
C GLU A 136 -19.86 -35.91 9.12
N ARG A 137 -19.52 -35.37 7.95
CA ARG A 137 -19.07 -36.17 6.78
C ARG A 137 -17.76 -36.85 7.13
N LEU A 138 -16.88 -36.20 7.89
CA LEU A 138 -15.61 -36.84 8.27
C LEU A 138 -15.89 -38.06 9.16
N LEU A 139 -16.71 -37.90 10.19
CA LEU A 139 -17.00 -39.02 11.12
C LEU A 139 -17.63 -40.18 10.33
N ALA A 140 -18.57 -39.87 9.45
CA ALA A 140 -19.25 -40.92 8.69
C ALA A 140 -18.30 -41.61 7.72
N GLU A 141 -17.59 -40.85 6.90
CA GLU A 141 -16.68 -41.40 5.86
C GLU A 141 -15.51 -42.18 6.46
N LEU A 142 -15.01 -41.80 7.62
CA LEU A 142 -13.86 -42.52 8.19
C LEU A 142 -14.31 -43.46 9.30
N GLN A 143 -15.62 -43.57 9.51
CA GLN A 143 -16.17 -44.47 10.56
C GLN A 143 -15.55 -44.09 11.89
N LEU A 144 -15.56 -42.81 12.20
CA LEU A 144 -14.95 -42.30 13.44
C LEU A 144 -15.99 -42.20 14.55
N SER A 145 -15.60 -42.60 15.75
CA SER A 145 -16.50 -42.45 16.92
C SER A 145 -16.62 -40.96 17.21
N ARG A 146 -17.83 -40.48 17.48
CA ARG A 146 -18.03 -39.06 17.79
C ARG A 146 -17.23 -38.72 19.04
N SER A 147 -17.25 -39.60 20.04
CA SER A 147 -16.49 -39.37 21.30
C SER A 147 -14.99 -39.37 21.06
N ASP A 148 -14.48 -40.26 20.21
CA ASP A 148 -13.02 -40.38 19.93
C ASP A 148 -12.52 -39.14 19.19
N MET A 149 -13.25 -38.67 18.18
CA MET A 149 -12.84 -37.48 17.39
C MET A 149 -12.87 -36.24 18.29
N HIS A 150 -13.86 -36.17 19.18
CA HIS A 150 -13.97 -35.03 20.12
C HIS A 150 -12.73 -35.02 21.02
N HIS A 151 -12.29 -36.20 21.44
CA HIS A 151 -11.10 -36.33 22.31
C HIS A 151 -9.86 -35.81 21.57
N ASP A 152 -9.71 -36.18 20.30
CA ASP A 152 -8.58 -35.74 19.45
C ASP A 152 -8.66 -34.24 19.19
N LEU A 153 -9.85 -33.75 18.89
CA LEU A 153 -10.12 -32.32 18.60
C LEU A 153 -9.72 -31.48 19.79
N LYS A 154 -10.05 -31.94 20.99
CA LYS A 154 -9.73 -31.25 22.25
C LYS A 154 -8.23 -31.19 22.43
N LEU A 155 -7.54 -32.28 22.15
CA LEU A 155 -6.08 -32.37 22.23
C LEU A 155 -5.45 -31.44 21.19
N MET A 156 -6.03 -31.38 20.00
CA MET A 156 -5.52 -30.53 18.90
C MET A 156 -5.61 -29.06 19.30
N TYR A 157 -6.69 -28.69 19.96
CA TYR A 157 -6.93 -27.30 20.40
C TYR A 157 -5.84 -26.88 21.38
N LYS A 158 -5.50 -27.75 22.31
CA LYS A 158 -4.45 -27.50 23.32
C LYS A 158 -3.09 -27.40 22.66
N GLU A 159 -2.85 -28.13 21.59
CA GLU A 159 -1.55 -28.12 20.87
C GLU A 159 -1.55 -27.05 19.78
N LYS A 160 -2.62 -26.27 19.70
CA LYS A 160 -2.77 -25.18 18.72
C LYS A 160 -2.79 -25.69 17.28
N CYS A 161 -3.30 -26.90 17.05
CA CYS A 161 -3.44 -27.46 15.68
C CYS A 161 -4.71 -26.90 15.06
N ILE A 162 -5.61 -26.42 15.91
CA ILE A 162 -6.88 -25.76 15.49
C ILE A 162 -7.15 -24.61 16.46
N GLY A 163 -8.01 -23.67 16.09
CA GLY A 163 -8.32 -22.53 16.95
C GLY A 163 -7.76 -21.22 16.43
N LEU A 164 -7.81 -20.19 17.26
CA LEU A 164 -7.38 -18.80 16.97
C LEU A 164 -5.87 -18.61 16.80
N SER A 165 -5.05 -19.22 17.64
CA SER A 165 -3.60 -18.98 17.47
C SER A 165 -2.90 -20.30 17.11
N LEU A 166 -2.76 -20.55 15.82
CA LEU A 166 -2.17 -21.81 15.32
C LEU A 166 -0.67 -21.87 15.49
N SER A 167 -0.18 -23.10 15.63
CA SER A 167 1.24 -23.46 15.64
C SER A 167 1.73 -23.53 14.19
N THR A 168 3.02 -23.75 14.00
CA THR A 168 3.51 -23.86 12.63
C THR A 168 3.04 -25.18 12.03
N ALA A 169 2.98 -25.27 10.71
CA ALA A 169 2.54 -26.50 10.02
C ALA A 169 3.48 -27.64 10.37
N HIS A 170 4.76 -27.34 10.52
CA HIS A 170 5.77 -28.36 10.84
C HIS A 170 5.49 -28.98 12.21
N TYR A 171 5.21 -28.15 13.20
CA TYR A 171 4.92 -28.64 14.56
C TYR A 171 3.60 -29.41 14.57
N ILE A 172 2.60 -28.92 13.87
CA ILE A 172 1.26 -29.56 13.81
C ILE A 172 1.41 -30.93 13.17
N THR A 173 2.16 -31.00 12.09
CA THR A 173 2.34 -32.28 11.39
C THR A 173 3.01 -33.27 12.33
N SER A 174 4.03 -32.81 13.04
CA SER A 174 4.79 -33.68 13.97
C SER A 174 3.96 -34.19 15.13
N VAL A 175 3.27 -33.32 15.86
CA VAL A 175 2.48 -33.81 17.03
C VAL A 175 1.30 -34.69 16.61
N MET A 176 0.55 -34.29 15.59
CA MET A 176 -0.59 -35.09 15.10
C MET A 176 -0.20 -36.38 14.39
N PHE A 177 0.76 -36.33 13.47
CA PHE A 177 1.03 -37.56 12.68
C PHE A 177 2.41 -38.17 12.95
N GLY A 178 3.30 -37.48 13.64
CA GLY A 178 4.64 -38.02 13.86
C GLY A 178 4.62 -39.30 14.65
N THR A 179 5.40 -40.28 14.22
CA THR A 179 5.49 -41.60 14.87
C THR A 179 6.85 -41.74 15.55
N GLY A 180 7.58 -40.64 15.64
CA GLY A 180 8.90 -40.61 16.29
C GLY A 180 8.76 -40.71 17.79
N ALA A 181 9.84 -41.01 18.50
CA ALA A 181 9.76 -41.14 19.96
C ALA A 181 9.43 -39.77 20.55
N LYS A 182 8.37 -39.70 21.36
CA LYS A 182 7.95 -38.43 21.99
C LYS A 182 8.54 -38.34 23.40
N ASN A 183 8.75 -37.12 23.86
CA ASN A 183 9.23 -36.87 25.24
C ASN A 183 8.08 -37.26 26.16
N ASN A 184 8.38 -37.81 27.34
CA ASN A 184 7.31 -38.17 28.30
C ASN A 184 6.85 -36.86 28.95
N ARG A 185 5.61 -36.48 28.69
CA ARG A 185 5.02 -35.22 29.21
C ARG A 185 4.84 -35.25 30.73
N GLN A 186 4.46 -36.39 31.29
CA GLN A 186 4.25 -36.51 32.75
C GLN A 186 5.58 -36.24 33.47
N THR A 187 6.68 -36.69 32.89
CA THR A 187 7.98 -36.47 33.56
C THR A 187 8.24 -34.97 33.66
N LYS A 188 7.99 -34.23 32.58
CA LYS A 188 8.18 -32.77 32.60
C LYS A 188 7.18 -32.15 33.57
N HIS A 189 5.97 -32.67 33.60
CA HIS A 189 4.95 -32.11 34.52
C HIS A 189 5.42 -32.24 35.96
N GLN A 190 5.90 -33.42 36.33
CA GLN A 190 6.36 -33.63 37.72
C GLN A 190 7.53 -32.69 38.00
N PHE A 191 8.45 -32.58 37.05
CA PHE A 191 9.65 -31.73 37.20
C PHE A 191 9.29 -30.25 37.30
N TYR A 192 8.42 -29.76 36.43
CA TYR A 192 8.01 -28.34 36.48
C TYR A 192 7.28 -28.10 37.79
N SER A 193 6.49 -29.06 38.22
CA SER A 193 5.75 -28.97 39.49
C SER A 193 6.74 -28.89 40.65
N LYS A 194 7.77 -29.72 40.62
CA LYS A 194 8.76 -29.71 41.72
C LYS A 194 9.46 -28.35 41.71
N VAL A 195 9.77 -27.80 40.55
CA VAL A 195 10.47 -26.48 40.52
C VAL A 195 9.55 -25.44 41.14
N ILE A 196 8.27 -25.51 40.83
CA ILE A 196 7.30 -24.52 41.36
C ILE A 196 7.26 -24.65 42.88
N GLN A 197 7.24 -25.87 43.38
CA GLN A 197 7.17 -26.12 44.84
C GLN A 197 8.41 -25.60 45.56
N LEU A 198 9.61 -25.89 45.04
CA LEU A 198 10.85 -25.43 45.68
C LEU A 198 10.91 -23.90 45.66
N LEU A 199 10.48 -23.27 44.57
CA LEU A 199 10.51 -21.80 44.46
C LEU A 199 9.58 -21.18 45.50
N GLU A 200 8.42 -21.80 45.71
CA GLU A 200 7.42 -21.33 46.70
C GLU A 200 8.01 -21.48 48.10
N GLU A 201 8.80 -22.53 48.28
CA GLU A 201 9.49 -22.88 49.55
C GLU A 201 10.64 -21.91 49.84
N SER A 202 11.23 -21.34 48.79
CA SER A 202 12.33 -20.35 48.94
C SER A 202 12.05 -19.16 48.02
N THR A 203 11.01 -18.41 48.32
CA THR A 203 10.51 -17.27 47.50
C THR A 203 11.45 -16.06 47.53
N GLN A 204 12.46 -16.03 48.40
CA GLN A 204 13.30 -14.82 48.52
C GLN A 204 14.71 -14.98 47.93
N ILE A 205 14.99 -16.05 47.19
CA ILE A 205 16.33 -16.25 46.57
C ILE A 205 16.57 -15.12 45.56
N ASN A 206 17.81 -14.67 45.39
CA ASN A 206 18.02 -13.56 44.42
C ASN A 206 19.23 -13.80 43.51
N SER A 207 19.83 -14.98 43.54
CA SER A 207 20.97 -15.18 42.62
C SER A 207 20.66 -16.37 41.73
N VAL A 208 21.18 -16.32 40.51
CA VAL A 208 20.96 -17.38 39.49
C VAL A 208 21.57 -18.66 40.05
N GLU A 209 22.62 -18.51 40.84
CA GLU A 209 23.35 -19.65 41.43
C GLU A 209 22.37 -20.44 42.30
N GLN A 210 21.58 -19.72 43.09
CA GLN A 210 20.54 -20.32 43.96
C GLN A 210 19.44 -20.95 43.11
N LEU A 211 19.01 -20.26 42.07
CA LEU A 211 17.93 -20.72 41.18
C LEU A 211 18.34 -21.98 40.41
N ALA A 212 19.55 -22.01 39.87
CA ALA A 212 20.03 -23.18 39.11
C ALA A 212 20.09 -24.38 40.06
N SER A 213 20.50 -24.13 41.30
CA SER A 213 20.58 -25.17 42.34
C SER A 213 19.18 -25.71 42.62
N ILE A 214 18.19 -24.82 42.70
CA ILE A 214 16.79 -25.27 42.91
C ILE A 214 16.33 -26.08 41.70
N ILE A 215 16.63 -25.62 40.50
CA ILE A 215 16.20 -26.37 39.27
C ILE A 215 16.88 -27.74 39.28
N LEU A 216 18.16 -27.77 39.64
CA LEU A 216 18.92 -29.04 39.65
C LEU A 216 18.33 -29.98 40.71
N LYS A 217 18.00 -29.46 41.89
CA LYS A 217 17.42 -30.31 42.97
C LYS A 217 16.07 -30.86 42.54
N ALA A 218 15.27 -30.04 41.86
CA ALA A 218 13.94 -30.48 41.40
C ALA A 218 14.10 -31.65 40.43
N GLY A 219 15.14 -31.58 39.60
CA GLY A 219 15.36 -32.60 38.56
C GLY A 219 16.09 -33.81 39.09
N ASP A 220 16.52 -33.78 40.35
CA ASP A 220 17.29 -34.90 40.96
C ASP A 220 18.55 -35.14 40.14
N CYS A 221 19.27 -34.07 39.80
CA CYS A 221 20.46 -34.20 38.93
C CYS A 221 21.56 -33.24 39.40
N ASP A 222 22.75 -33.37 38.83
CA ASP A 222 23.87 -32.47 39.22
C ASP A 222 24.32 -31.69 37.99
N SER A 223 23.68 -31.92 36.85
CA SER A 223 24.08 -31.19 35.62
C SER A 223 22.87 -30.96 34.72
N TYR A 224 22.98 -29.95 33.86
CA TYR A 224 21.92 -29.62 32.89
C TYR A 224 21.78 -30.76 31.88
N ARG A 225 22.91 -31.34 31.51
CA ARG A 225 22.93 -32.45 30.52
C ARG A 225 22.13 -33.64 31.05
N LYS A 226 22.25 -33.93 32.34
CA LYS A 226 21.54 -35.08 32.95
C LYS A 226 20.08 -34.68 33.15
N LEU A 227 19.85 -33.38 33.36
CA LEU A 227 18.49 -32.84 33.55
C LEU A 227 17.71 -32.95 32.24
N ARG A 228 18.35 -32.56 31.15
CA ARG A 228 17.70 -32.60 29.83
C ARG A 228 17.39 -34.05 29.46
N ILE A 229 18.33 -34.95 29.71
CA ILE A 229 18.12 -36.37 29.31
C ILE A 229 16.92 -36.93 30.04
N ARG A 230 16.82 -36.68 31.34
CA ARG A 230 15.65 -37.16 32.11
C ARG A 230 14.33 -36.43 31.80
N CYS A 231 14.35 -35.09 31.72
CA CYS A 231 13.07 -34.34 31.59
C CYS A 231 12.73 -33.78 30.20
N SER A 232 13.70 -33.38 29.40
CA SER A 232 13.41 -32.86 28.04
C SER A 232 14.39 -33.50 27.07
N ARG A 233 14.25 -34.80 26.81
CA ARG A 233 15.29 -35.47 26.00
C ARG A 233 15.40 -34.89 24.60
N LYS A 234 14.29 -34.70 23.90
CA LYS A 234 14.39 -34.15 22.54
C LYS A 234 13.78 -32.75 22.48
N GLY A 235 14.09 -32.03 21.42
CA GLY A 235 13.52 -30.70 21.16
C GLY A 235 14.37 -29.56 21.61
N ALA A 236 13.88 -28.35 21.42
CA ALA A 236 14.58 -27.11 21.82
C ALA A 236 14.58 -27.02 23.34
N THR A 237 15.58 -26.36 23.90
CA THR A 237 15.72 -26.27 25.36
C THR A 237 14.65 -25.36 25.96
N PRO A 238 13.90 -25.83 26.98
CA PRO A 238 12.94 -25.00 27.66
C PRO A 238 13.68 -23.91 28.42
N SER A 239 13.07 -22.74 28.58
CA SER A 239 13.74 -21.60 29.27
C SER A 239 14.23 -21.97 30.68
N ILE A 240 13.50 -22.79 31.43
CA ILE A 240 13.88 -23.21 32.80
C ILE A 240 15.19 -24.01 32.76
N LEU A 241 15.42 -24.80 31.73
CA LEU A 241 16.65 -25.62 31.61
C LEU A 241 17.77 -24.75 31.04
N LYS A 242 17.42 -23.66 30.37
CA LYS A 242 18.42 -22.76 29.76
C LYS A 242 19.17 -22.03 30.88
N ILE A 243 18.49 -21.74 31.98
CA ILE A 243 19.10 -21.07 33.15
C ILE A 243 20.22 -21.96 33.68
N VAL A 244 19.98 -23.26 33.77
CA VAL A 244 21.02 -24.19 34.27
C VAL A 244 22.15 -24.30 33.24
N GLN A 245 21.83 -24.35 31.95
CA GLN A 245 22.88 -24.46 30.93
C GLN A 245 23.71 -23.18 30.93
N ASP A 246 23.06 -22.03 30.93
CA ASP A 246 23.77 -20.73 30.91
C ASP A 246 24.60 -20.54 32.19
N TYR A 247 24.15 -21.07 33.33
CA TYR A 247 24.93 -20.96 34.58
C TYR A 247 26.19 -21.81 34.44
N GLU A 248 26.07 -22.99 33.82
CA GLU A 248 27.19 -23.92 33.58
C GLU A 248 28.15 -23.35 32.54
N LEU A 249 27.68 -22.45 31.67
CA LEU A 249 28.51 -21.75 30.65
C LEU A 249 29.09 -20.51 31.31
N GLY A 250 28.33 -19.84 32.15
CA GLY A 250 28.83 -18.67 32.87
C GLY A 250 28.40 -17.37 32.25
N THR A 251 27.31 -17.38 31.51
CA THR A 251 26.90 -16.11 30.86
C THR A 251 25.75 -15.42 31.59
N ASN A 252 25.12 -16.05 32.58
CA ASN A 252 23.97 -15.42 33.25
C ASN A 252 24.16 -15.31 34.77
N HIS A 253 25.40 -15.42 35.25
CA HIS A 253 25.65 -15.41 36.72
C HIS A 253 25.17 -14.12 37.37
N ASP A 254 25.28 -12.98 36.68
CA ASP A 254 24.91 -11.67 37.27
C ASP A 254 23.47 -11.29 36.93
N ASP A 255 22.73 -12.16 36.25
CA ASP A 255 21.34 -11.82 35.87
C ASP A 255 20.43 -11.72 37.10
N GLU A 256 19.45 -10.84 37.04
CA GLU A 256 18.47 -10.66 38.14
C GLU A 256 17.53 -11.86 38.12
N VAL A 257 16.92 -12.19 39.25
CA VAL A 257 16.01 -13.35 39.39
C VAL A 257 14.62 -12.85 39.80
N ASN A 258 13.58 -13.21 39.06
CA ASN A 258 12.19 -12.81 39.39
C ASN A 258 11.42 -14.09 39.70
N VAL A 259 11.37 -14.48 40.97
CA VAL A 259 10.74 -15.75 41.44
C VAL A 259 9.25 -15.78 41.14
N PRO A 260 8.47 -14.71 41.38
CA PRO A 260 7.05 -14.73 41.08
C PRO A 260 6.83 -14.96 39.57
N SER A 261 7.67 -14.36 38.75
CA SER A 261 7.61 -14.51 37.27
C SER A 261 7.95 -15.94 36.84
N LEU A 262 8.99 -16.55 37.40
CA LEU A 262 9.33 -17.94 37.01
C LEU A 262 8.18 -18.85 37.40
N ILE A 263 7.66 -18.66 38.61
CA ILE A 263 6.56 -19.53 39.10
C ILE A 263 5.36 -19.36 38.19
N ALA A 264 5.03 -18.13 37.85
CA ALA A 264 3.85 -17.83 37.00
C ALA A 264 4.00 -18.43 35.61
N ASN A 265 5.15 -18.24 34.99
CA ASN A 265 5.42 -18.76 33.63
C ASN A 265 5.40 -20.30 33.65
N LEU A 266 6.01 -20.92 34.65
CA LEU A 266 6.02 -22.38 34.83
C LEU A 266 4.59 -22.88 35.04
N LYS A 267 3.81 -22.15 35.83
CA LYS A 267 2.43 -22.56 36.15
C LYS A 267 1.55 -22.55 34.89
N GLU A 268 1.88 -21.67 33.93
CA GLU A 268 1.09 -21.53 32.68
C GLU A 268 1.41 -22.67 31.71
N LYS A 269 2.63 -23.22 31.79
CA LYS A 269 3.03 -24.31 30.87
C LYS A 269 2.55 -25.66 31.40
N LEU A 270 2.16 -25.72 32.66
CA LEU A 270 1.75 -27.00 33.30
C LEU A 270 0.67 -27.72 32.50
N GLY A 271 -0.35 -27.01 32.06
CA GLY A 271 -1.50 -27.58 31.33
C GLY A 271 -1.10 -28.45 30.15
N ARG A 272 -0.16 -27.97 29.37
CA ARG A 272 0.39 -28.68 28.19
C ARG A 272 0.97 -30.03 28.61
N PHE A 273 1.30 -30.25 29.87
CA PHE A 273 1.96 -31.53 30.24
C PHE A 273 1.09 -32.48 31.05
N GLU A 274 -0.22 -32.25 31.13
CA GLU A 274 -1.12 -33.12 31.91
C GLU A 274 -1.58 -34.30 31.05
N TYR A 275 -1.18 -34.31 29.79
CA TYR A 275 -1.63 -35.38 28.87
C TYR A 275 -0.44 -35.87 28.05
N GLU A 276 -0.55 -37.08 27.51
CA GLU A 276 0.57 -37.70 26.76
C GLU A 276 0.29 -37.67 25.28
N CYS A 277 -0.75 -36.94 24.86
CA CYS A 277 -1.09 -36.83 23.42
C CYS A 277 -1.37 -38.20 22.79
N GLU A 278 -2.22 -39.00 23.41
CA GLU A 278 -2.51 -40.34 22.87
C GLU A 278 -3.67 -40.19 21.89
N TRP A 279 -3.38 -40.19 20.60
CA TRP A 279 -4.41 -39.99 19.56
C TRP A 279 -5.33 -41.20 19.45
N LYS A 280 -6.59 -40.98 19.10
CA LYS A 280 -7.53 -42.11 18.95
C LYS A 280 -7.94 -42.27 17.49
N CYS A 281 -7.90 -41.20 16.69
CA CYS A 281 -8.33 -41.29 15.28
C CYS A 281 -7.20 -40.95 14.31
N MET A 282 -5.99 -40.70 14.81
CA MET A 282 -4.90 -40.30 13.89
C MET A 282 -4.55 -41.42 12.92
N GLU A 283 -4.60 -42.67 13.37
CA GLU A 283 -4.26 -43.79 12.47
C GLU A 283 -5.28 -43.84 11.34
N LYS A 284 -6.56 -43.66 11.65
CA LYS A 284 -7.59 -43.70 10.59
C LYS A 284 -7.40 -42.52 9.63
N ILE A 285 -7.20 -41.33 10.17
CA ILE A 285 -7.01 -40.09 9.34
C ILE A 285 -5.72 -40.25 8.53
N LYS A 286 -4.67 -40.79 9.13
CA LYS A 286 -3.41 -40.99 8.39
C LYS A 286 -3.65 -41.97 7.25
N ALA A 287 -4.44 -43.01 7.50
CA ALA A 287 -4.77 -44.01 6.45
C ALA A 287 -5.56 -43.31 5.35
N PHE A 288 -6.49 -42.44 5.71
CA PHE A 288 -7.24 -41.71 4.68
C PHE A 288 -6.27 -40.80 3.90
N LEU A 289 -5.38 -40.11 4.60
CA LEU A 289 -4.44 -39.22 3.89
C LEU A 289 -3.52 -40.02 2.96
N ALA A 290 -3.05 -41.19 3.40
CA ALA A 290 -2.12 -41.99 2.58
C ALA A 290 -2.79 -42.40 1.27
N SER A 291 -4.07 -42.70 1.34
CA SER A 291 -4.90 -43.10 0.18
C SER A 291 -4.99 -41.94 -0.81
N LYS A 292 -5.00 -40.71 -0.32
CA LYS A 292 -5.13 -39.54 -1.23
C LYS A 292 -3.80 -38.90 -1.57
N VAL A 293 -2.83 -38.82 -0.66
CA VAL A 293 -1.56 -38.11 -0.99
C VAL A 293 -0.35 -39.02 -0.84
N GLY A 294 -0.55 -40.29 -0.55
CA GLY A 294 0.61 -41.18 -0.44
C GLY A 294 1.17 -41.28 0.97
N PRO A 295 2.31 -41.96 1.17
CA PRO A 295 2.86 -42.20 2.48
C PRO A 295 3.20 -40.96 3.31
N TYR A 296 3.00 -41.07 4.62
CA TYR A 296 3.30 -39.92 5.49
C TYR A 296 4.79 -39.61 5.54
N TYR A 297 5.11 -38.37 5.22
CA TYR A 297 6.47 -37.80 5.36
C TYR A 297 6.27 -36.46 6.04
N LEU A 298 7.06 -36.16 7.06
CA LEU A 298 6.86 -34.90 7.80
C LEU A 298 7.08 -33.73 6.85
N GLY A 299 8.14 -33.76 6.06
CA GLY A 299 8.46 -32.65 5.15
C GLY A 299 7.40 -32.41 4.10
N SER A 300 6.95 -33.46 3.43
CA SER A 300 5.89 -33.28 2.40
C SER A 300 4.54 -32.91 3.00
N TYR A 301 4.09 -33.61 4.02
CA TYR A 301 2.78 -33.32 4.65
C TYR A 301 2.79 -31.92 5.26
N SER A 302 3.90 -31.57 5.88
CA SER A 302 4.06 -30.24 6.51
C SER A 302 4.03 -29.15 5.44
N ALA A 303 4.65 -29.40 4.28
CA ALA A 303 4.70 -28.46 3.15
C ALA A 303 3.31 -28.21 2.58
N MET A 304 2.52 -29.27 2.42
CA MET A 304 1.13 -29.16 1.93
C MET A 304 0.23 -28.49 2.96
N LEU A 305 0.38 -28.84 4.23
CA LEU A 305 -0.47 -28.31 5.32
C LEU A 305 -0.28 -26.80 5.46
N GLU A 306 0.93 -26.31 5.29
CA GLU A 306 1.20 -24.88 5.45
C GLU A 306 0.42 -24.10 4.40
N ASN A 307 0.34 -24.61 3.18
CA ASN A 307 -0.43 -23.94 2.11
C ASN A 307 -1.94 -24.01 2.40
N ALA A 308 -2.42 -25.14 2.86
CA ALA A 308 -3.85 -25.29 3.19
C ALA A 308 -4.23 -24.42 4.39
N LEU A 309 -3.40 -24.41 5.42
CA LEU A 309 -3.67 -23.66 6.66
C LEU A 309 -3.68 -22.14 6.48
N SER A 310 -2.83 -21.59 5.62
CA SER A 310 -2.67 -20.11 5.60
C SER A 310 -3.97 -19.37 5.34
N PRO A 311 -4.76 -19.70 4.31
CA PRO A 311 -6.00 -19.02 4.09
C PRO A 311 -7.01 -19.28 5.21
N ILE A 312 -7.07 -20.49 5.73
CA ILE A 312 -8.07 -20.80 6.78
C ILE A 312 -7.78 -19.96 8.02
N LYS A 313 -6.55 -20.00 8.50
CA LYS A 313 -6.16 -19.21 9.69
C LYS A 313 -6.24 -17.71 9.42
N GLY A 314 -5.73 -17.25 8.29
CA GLY A 314 -5.74 -15.80 7.97
C GLY A 314 -7.13 -15.24 7.83
N MET A 315 -8.02 -15.94 7.13
CA MET A 315 -9.40 -15.43 6.97
C MET A 315 -10.12 -15.43 8.32
N THR A 316 -9.85 -16.41 9.17
CA THR A 316 -10.49 -16.41 10.51
C THR A 316 -10.00 -15.19 11.28
N THR A 317 -8.70 -14.91 11.24
CA THR A 317 -8.21 -13.73 11.95
C THR A 317 -8.82 -12.47 11.35
N LYS A 318 -8.80 -12.36 10.04
CA LYS A 318 -9.33 -11.14 9.37
C LYS A 318 -10.84 -11.01 9.62
N ASN A 319 -11.57 -12.09 9.51
CA ASN A 319 -13.04 -12.04 9.69
C ASN A 319 -13.42 -11.64 11.12
N CYS A 320 -12.70 -12.14 12.12
CA CYS A 320 -13.01 -11.78 13.53
C CYS A 320 -12.77 -10.30 13.77
N LYS A 321 -11.67 -9.75 13.25
CA LYS A 321 -11.40 -8.31 13.42
C LYS A 321 -12.47 -7.51 12.69
N PHE A 322 -12.87 -7.97 11.52
CA PHE A 322 -13.85 -7.27 10.69
C PHE A 322 -15.20 -7.19 11.40
N VAL A 323 -15.61 -8.29 12.02
CA VAL A 323 -16.91 -8.35 12.75
C VAL A 323 -16.88 -7.36 13.90
N LEU A 324 -15.81 -7.36 14.68
CA LEU A 324 -15.67 -6.45 15.84
C LEU A 324 -15.66 -5.01 15.33
N LYS A 325 -15.00 -4.79 14.21
CA LYS A 325 -14.92 -3.45 13.61
C LYS A 325 -16.33 -3.01 13.21
N GLN A 326 -17.11 -3.92 12.63
CA GLN A 326 -18.48 -3.62 12.19
C GLN A 326 -19.36 -3.26 13.39
N ILE A 327 -19.17 -3.96 14.51
CA ILE A 327 -20.01 -3.67 15.70
C ILE A 327 -19.74 -2.23 16.13
N ASP A 328 -18.48 -1.84 16.22
CA ASP A 328 -18.13 -0.45 16.60
C ASP A 328 -18.68 0.52 15.56
N ALA A 329 -18.53 0.21 14.29
CA ALA A 329 -19.01 1.09 13.21
C ALA A 329 -20.53 1.23 13.31
N LYS A 330 -21.21 0.13 13.59
CA LYS A 330 -22.69 0.13 13.73
C LYS A 330 -23.10 0.93 14.96
N ASN A 331 -22.35 0.79 16.05
CA ASN A 331 -22.58 1.52 17.32
C ASN A 331 -22.40 3.01 17.04
N ASP A 332 -21.43 3.34 16.18
CA ASP A 332 -21.12 4.75 15.83
C ASP A 332 -22.29 5.36 15.05
N ILE A 333 -23.14 4.54 14.43
CA ILE A 333 -24.29 5.08 13.67
C ILE A 333 -25.24 5.69 14.67
N LYS A 334 -25.87 6.80 14.32
CA LYS A 334 -26.88 7.39 15.22
C LYS A 334 -28.23 7.02 14.63
N TYR A 335 -28.85 5.98 15.18
CA TYR A 335 -30.15 5.46 14.70
C TYR A 335 -31.26 6.45 15.05
N GLU A 336 -30.97 7.35 15.99
CA GLU A 336 -31.94 8.37 16.47
C GLU A 336 -32.23 9.38 15.36
N ASN A 337 -31.41 9.42 14.32
CA ASN A 337 -31.59 10.39 13.22
C ASN A 337 -32.30 9.72 12.04
N GLU A 338 -32.80 8.52 12.24
CA GLU A 338 -33.44 7.76 11.11
C GLU A 338 -34.65 8.53 10.58
N PRO A 339 -35.48 9.14 11.43
CA PRO A 339 -36.65 9.87 10.96
C PRO A 339 -36.21 11.07 10.11
N PHE A 340 -35.13 11.73 10.52
CA PHE A 340 -34.58 12.86 9.73
C PHE A 340 -34.12 12.29 8.39
N GLY A 341 -33.49 11.13 8.44
CA GLY A 341 -33.05 10.44 7.22
C GLY A 341 -34.25 10.09 6.38
N LYS A 342 -35.32 9.69 7.05
CA LYS A 342 -36.59 9.29 6.38
C LYS A 342 -37.17 10.50 5.64
N ILE A 343 -37.11 11.67 6.25
CA ILE A 343 -37.67 12.88 5.57
C ILE A 343 -36.88 13.13 4.29
N VAL A 344 -35.55 13.15 4.40
CA VAL A 344 -34.63 13.45 3.26
C VAL A 344 -34.84 12.42 2.16
N GLU A 345 -35.00 11.15 2.54
CA GLU A 345 -35.17 10.04 1.58
C GLU A 345 -36.53 10.18 0.88
N GLY A 346 -37.35 11.09 1.43
CA GLY A 346 -38.70 11.41 0.95
C GLY A 346 -38.62 12.12 -0.39
N PHE A 347 -37.43 12.59 -0.72
CA PHE A 347 -37.19 13.31 -1.98
C PHE A 347 -37.52 12.41 -3.15
N PHE A 348 -37.27 11.11 -3.03
CA PHE A 348 -37.55 10.21 -4.17
C PHE A 348 -39.05 10.14 -4.44
N ASP A 349 -39.84 10.22 -3.38
CA ASP A 349 -41.31 10.13 -3.53
C ASP A 349 -41.85 11.45 -4.06
N SER A 350 -41.22 12.56 -3.69
CA SER A 350 -41.67 13.93 -4.08
C SER A 350 -41.64 14.19 -5.59
N PRO A 351 -42.38 15.21 -6.06
CA PRO A 351 -42.43 15.55 -7.48
C PRO A 351 -41.11 16.12 -7.99
N TYR A 352 -40.30 16.66 -7.11
CA TYR A 352 -38.99 17.24 -7.50
C TYR A 352 -38.17 16.16 -8.21
N PHE A 353 -38.10 14.99 -7.60
CA PHE A 353 -37.38 13.84 -8.20
C PHE A 353 -38.32 13.18 -9.20
N GLU A 354 -37.86 12.95 -10.43
CA GLU A 354 -38.73 12.29 -11.44
C GLU A 354 -37.94 11.19 -12.13
N SER A 355 -38.51 9.98 -12.19
CA SER A 355 -37.84 8.85 -12.87
C SER A 355 -38.88 7.91 -13.49
N ASP A 356 -38.50 7.28 -14.61
CA ASP A 356 -39.37 6.32 -15.33
C ASP A 356 -39.96 5.32 -14.33
N THR A 357 -39.10 4.55 -13.66
CA THR A 357 -39.58 3.57 -12.65
C THR A 357 -39.50 4.22 -11.27
N ASN A 358 -39.06 5.47 -11.20
CA ASN A 358 -38.85 6.15 -9.89
C ASN A 358 -37.98 5.24 -9.03
N VAL A 359 -36.82 4.81 -9.55
CA VAL A 359 -35.89 3.95 -8.78
C VAL A 359 -34.93 4.88 -8.04
N LYS A 360 -34.82 4.70 -6.73
CA LYS A 360 -33.99 5.59 -5.87
C LYS A 360 -32.50 5.22 -5.93
N TRP A 361 -31.72 6.00 -5.21
CA TRP A 361 -30.26 5.79 -5.06
C TRP A 361 -29.82 6.28 -3.67
N VAL A 362 -28.61 5.92 -3.25
CA VAL A 362 -28.13 6.35 -1.91
C VAL A 362 -27.81 7.84 -1.95
N LEU A 363 -28.21 8.55 -0.91
CA LEU A 363 -27.97 9.99 -0.78
C LEU A 363 -26.75 10.18 0.12
N HIS A 364 -25.80 10.99 -0.28
CA HIS A 364 -24.59 11.22 0.55
C HIS A 364 -24.46 12.71 0.82
N PRO A 365 -23.68 13.15 1.82
CA PRO A 365 -23.49 14.56 2.11
C PRO A 365 -23.16 15.50 0.93
N HIS A 366 -22.43 15.04 -0.09
CA HIS A 366 -22.03 15.89 -1.24
C HIS A 366 -23.22 16.30 -2.13
N HIS A 367 -24.35 15.62 -2.04
CA HIS A 367 -25.58 15.97 -2.78
C HIS A 367 -26.17 17.29 -2.28
N ILE A 368 -25.92 17.67 -1.03
CA ILE A 368 -26.41 18.95 -0.45
C ILE A 368 -25.22 19.89 -0.23
N GLY A 369 -24.03 19.50 -0.69
CA GLY A 369 -22.84 20.34 -0.51
C GLY A 369 -22.33 20.27 0.91
N GLU A 370 -22.47 19.09 1.53
CA GLU A 370 -22.02 18.84 2.93
C GLU A 370 -22.67 19.84 3.88
N SER A 371 -21.89 20.44 4.79
CA SER A 371 -22.47 21.38 5.78
C SER A 371 -22.49 22.83 5.27
N ASN A 372 -22.43 23.04 3.96
CA ASN A 372 -22.49 24.37 3.32
C ASN A 372 -23.96 24.70 2.99
N ILE A 373 -24.87 23.80 3.33
CA ILE A 373 -26.33 23.97 3.13
C ILE A 373 -26.82 25.00 4.14
N LYS A 374 -26.18 25.07 5.30
CA LYS A 374 -26.52 26.08 6.33
C LYS A 374 -26.40 27.46 5.72
N THR A 375 -25.25 27.78 5.11
CA THR A 375 -25.14 29.16 4.57
C THR A 375 -26.28 29.35 3.59
N LEU A 376 -26.56 28.34 2.77
CA LEU A 376 -27.64 28.48 1.77
C LEU A 376 -28.96 28.73 2.51
N TRP A 377 -29.14 28.08 3.64
CA TRP A 377 -30.40 28.27 4.40
C TRP A 377 -30.50 29.73 4.88
N GLU A 378 -29.41 30.29 5.39
CA GLU A 378 -29.49 31.68 5.87
C GLU A 378 -29.84 32.59 4.69
N ASP A 379 -29.12 32.43 3.58
CA ASP A 379 -29.35 33.31 2.41
C ASP A 379 -30.79 33.11 1.95
N LEU A 380 -31.30 31.89 2.10
CA LEU A 380 -32.68 31.63 1.65
C LEU A 380 -33.67 32.20 2.67
N ASN A 381 -33.31 32.18 3.95
CA ASN A 381 -34.22 32.70 5.01
C ASN A 381 -34.33 34.21 4.84
N ALA A 382 -33.20 34.88 4.59
CA ALA A 382 -33.19 36.34 4.37
C ALA A 382 -34.11 36.68 3.20
N ILE A 383 -34.02 35.94 2.11
CA ILE A 383 -34.92 36.21 0.95
C ILE A 383 -36.35 36.10 1.46
N HIS A 384 -36.68 34.99 2.13
CA HIS A 384 -38.05 34.75 2.66
C HIS A 384 -38.42 35.86 3.66
N SER A 385 -37.50 36.20 4.56
CA SER A 385 -37.73 37.27 5.58
C SER A 385 -38.17 38.56 4.89
N LYS A 386 -37.45 38.97 3.84
CA LYS A 386 -37.78 40.21 3.09
C LYS A 386 -39.07 40.00 2.29
N TYR A 387 -39.34 38.76 1.86
CA TYR A 387 -40.57 38.43 1.09
C TYR A 387 -41.76 38.30 2.04
N GLU A 388 -41.48 38.08 3.33
CA GLU A 388 -42.54 37.93 4.35
C GLU A 388 -42.76 39.27 5.06
N GLU A 389 -41.90 40.26 4.76
CA GLU A 389 -42.01 41.61 5.39
C GLU A 389 -42.56 42.59 4.35
N ASP A 390 -42.38 42.28 3.06
CA ASP A 390 -42.87 43.16 1.95
C ASP A 390 -44.20 42.61 1.44
N ILE A 391 -44.65 41.47 1.98
CA ILE A 391 -45.94 40.85 1.57
C ILE A 391 -47.10 41.64 2.17
N ALA A 392 -46.84 42.32 3.30
CA ALA A 392 -47.88 43.12 3.99
C ALA A 392 -48.23 44.34 3.13
N SER A 393 -47.24 44.91 2.44
CA SER A 393 -47.46 46.09 1.57
C SER A 393 -47.76 45.64 0.14
N LEU A 394 -48.85 44.89 -0.05
CA LEU A 394 -49.25 44.39 -1.39
C LEU A 394 -50.66 44.89 -1.72
N SER A 395 -51.68 44.16 -1.26
CA SER A 395 -53.10 44.55 -1.51
C SER A 395 -53.31 44.81 -3.01
N GLU A 396 -52.97 43.85 -3.86
CA GLU A 396 -53.23 44.05 -5.30
C GLU A 396 -53.73 42.74 -5.90
N ASP A 397 -54.42 42.81 -7.04
CA ASP A 397 -54.94 41.58 -7.69
C ASP A 397 -53.73 40.75 -8.13
N LYS A 398 -52.73 41.43 -8.70
CA LYS A 398 -51.49 40.76 -9.16
C LYS A 398 -50.53 40.53 -7.99
N LYS A 399 -50.90 39.63 -7.07
CA LYS A 399 -50.01 39.23 -5.96
C LYS A 399 -49.15 38.15 -6.61
N GLU A 400 -49.64 37.70 -7.76
CA GLU A 400 -48.92 36.65 -8.53
C GLU A 400 -47.67 37.21 -9.23
N LYS A 401 -47.25 38.43 -8.89
CA LYS A 401 -45.98 38.98 -9.42
C LYS A 401 -44.92 38.64 -8.38
N ARG A 402 -45.01 39.27 -7.21
CA ARG A 402 -44.05 39.05 -6.09
C ARG A 402 -43.83 37.56 -5.84
N ILE A 403 -44.90 36.77 -5.65
CA ILE A 403 -44.74 35.33 -5.33
C ILE A 403 -43.84 34.67 -6.39
N LYS A 404 -44.11 34.91 -7.67
CA LYS A 404 -43.27 34.36 -8.76
C LYS A 404 -41.82 34.86 -8.65
N VAL A 405 -41.61 36.10 -8.19
CA VAL A 405 -40.25 36.67 -7.98
C VAL A 405 -39.58 35.99 -6.79
N TYR A 406 -40.38 35.48 -5.84
CA TYR A 406 -39.84 34.78 -4.65
C TYR A 406 -39.51 33.35 -5.06
N GLN A 407 -40.40 32.76 -5.87
CA GLN A 407 -40.21 31.39 -6.40
C GLN A 407 -38.96 31.40 -7.27
N GLY A 408 -38.95 32.24 -8.30
CA GLY A 408 -37.85 32.33 -9.28
C GLY A 408 -36.52 32.72 -8.71
N ASP A 409 -36.51 33.48 -7.62
CA ASP A 409 -35.20 33.91 -7.04
C ASP A 409 -34.70 32.82 -6.10
N VAL A 410 -35.58 31.91 -5.70
CA VAL A 410 -35.19 30.78 -4.81
C VAL A 410 -34.38 29.83 -5.70
N CYS A 411 -34.78 29.68 -6.95
CA CYS A 411 -34.10 28.78 -7.91
C CYS A 411 -32.76 29.35 -8.37
N GLN A 412 -32.58 30.67 -8.27
CA GLN A 412 -31.26 31.20 -8.67
C GLN A 412 -30.33 31.04 -7.48
N THR A 413 -30.83 31.31 -6.28
CA THR A 413 -29.96 31.16 -5.09
C THR A 413 -29.48 29.70 -5.02
N ILE A 414 -30.37 28.74 -5.25
CA ILE A 414 -29.95 27.33 -5.14
C ILE A 414 -29.00 27.02 -6.29
N ASN A 415 -29.39 27.36 -7.52
CA ASN A 415 -28.52 27.08 -8.68
C ASN A 415 -27.15 27.69 -8.45
N THR A 416 -27.13 28.90 -7.90
CA THR A 416 -25.85 29.61 -7.67
C THR A 416 -25.06 28.83 -6.64
N TYR A 417 -25.72 28.35 -5.60
CA TYR A 417 -25.01 27.57 -4.54
C TYR A 417 -24.39 26.34 -5.18
N CYS A 418 -25.17 25.65 -5.99
CA CYS A 418 -24.70 24.41 -6.64
C CYS A 418 -23.52 24.68 -7.58
N GLU A 419 -23.54 25.80 -8.29
CA GLU A 419 -22.43 26.09 -9.24
C GLU A 419 -21.19 26.48 -8.45
N GLU A 420 -21.36 27.28 -7.41
CA GLU A 420 -20.21 27.71 -6.59
C GLU A 420 -19.54 26.50 -5.97
N VAL A 421 -20.34 25.64 -5.33
CA VAL A 421 -19.85 24.40 -4.67
C VAL A 421 -19.22 23.47 -5.72
N GLY A 422 -19.83 23.40 -6.90
CA GLY A 422 -19.38 22.49 -7.97
C GLY A 422 -18.04 22.88 -8.56
N LYS A 423 -17.50 24.03 -8.16
CA LYS A 423 -16.21 24.50 -8.70
C LYS A 423 -15.10 23.62 -8.11
N GLU A 424 -15.10 23.45 -6.80
CA GLU A 424 -14.00 22.69 -6.15
C GLU A 424 -14.49 21.38 -5.54
N ALA A 425 -15.61 20.84 -6.01
CA ALA A 425 -16.15 19.58 -5.48
C ALA A 425 -17.20 19.04 -6.43
N LYS A 426 -17.90 17.99 -6.01
CA LYS A 426 -19.00 17.43 -6.82
C LYS A 426 -20.14 18.46 -6.80
N THR A 427 -20.87 18.58 -7.90
CA THR A 427 -21.94 19.60 -7.91
C THR A 427 -23.13 19.08 -7.11
N PRO A 428 -23.71 19.85 -6.19
CA PRO A 428 -24.85 19.42 -5.41
C PRO A 428 -26.08 19.25 -6.31
N LEU A 429 -27.12 18.60 -5.79
CA LEU A 429 -28.34 18.31 -6.59
C LEU A 429 -29.35 19.43 -6.38
N VAL A 430 -29.76 20.07 -7.48
CA VAL A 430 -30.73 21.20 -7.41
C VAL A 430 -32.09 20.70 -6.94
N GLN A 431 -32.59 19.64 -7.55
CA GLN A 431 -33.93 19.14 -7.22
C GLN A 431 -34.00 18.74 -5.75
N LEU A 432 -32.95 18.11 -5.22
CA LEU A 432 -32.98 17.64 -3.82
C LEU A 432 -32.98 18.85 -2.87
N LEU A 433 -32.28 19.91 -3.24
CA LEU A 433 -32.23 21.09 -2.35
C LEU A 433 -33.55 21.85 -2.46
N ARG A 434 -34.12 21.91 -3.66
CA ARG A 434 -35.42 22.59 -3.81
C ARG A 434 -36.40 21.84 -2.91
N TYR A 435 -36.47 20.52 -3.10
CA TYR A 435 -37.33 19.63 -2.32
C TYR A 435 -37.11 19.90 -0.83
N LEU A 436 -35.85 19.88 -0.39
CA LEU A 436 -35.55 20.13 1.04
C LEU A 436 -36.04 21.50 1.48
N TYR A 437 -35.94 22.54 0.64
CA TYR A 437 -36.42 23.87 1.08
C TYR A 437 -37.92 23.80 1.34
N SER A 438 -38.66 23.11 0.48
CA SER A 438 -40.12 22.92 0.67
C SER A 438 -40.45 22.36 2.06
N ARG A 439 -39.67 21.43 2.60
CA ARG A 439 -39.95 20.90 3.96
C ARG A 439 -39.16 21.65 5.02
N LYS A 440 -39.02 22.98 4.91
CA LYS A 440 -38.21 23.76 5.89
C LYS A 440 -38.86 23.79 7.27
N ASP A 441 -40.18 23.73 7.35
CA ASP A 441 -40.83 23.74 8.69
C ASP A 441 -40.84 22.30 9.20
N ASP A 442 -40.86 21.38 8.24
CA ASP A 442 -40.79 19.92 8.50
C ASP A 442 -39.44 19.52 9.12
N ILE A 443 -38.33 20.08 8.64
CA ILE A 443 -37.01 19.62 9.19
C ILE A 443 -36.02 20.77 9.37
N ALA A 444 -35.32 20.79 10.51
CA ALA A 444 -34.27 21.80 10.73
C ALA A 444 -33.06 21.42 9.87
N VAL A 445 -32.33 22.42 9.40
CA VAL A 445 -31.20 22.22 8.44
C VAL A 445 -30.11 21.36 9.07
N ASP A 446 -29.82 21.56 10.35
CA ASP A 446 -28.77 20.75 11.02
C ASP A 446 -29.22 19.29 11.02
N LYS A 447 -30.53 19.08 11.13
CA LYS A 447 -31.16 17.74 11.11
C LYS A 447 -31.13 17.19 9.69
N ILE A 448 -31.14 18.05 8.67
CA ILE A 448 -31.08 17.54 7.27
C ILE A 448 -29.71 16.87 7.09
N ILE A 449 -28.68 17.54 7.60
CA ILE A 449 -27.28 17.05 7.53
C ILE A 449 -27.14 15.78 8.35
N ASP A 450 -27.68 15.77 9.56
CA ASP A 450 -27.54 14.57 10.41
C ASP A 450 -28.24 13.39 9.74
N GLY A 451 -29.41 13.65 9.15
CA GLY A 451 -30.21 12.65 8.45
C GLY A 451 -29.57 12.16 7.18
N ILE A 452 -29.04 13.08 6.36
CA ILE A 452 -28.35 12.62 5.12
C ILE A 452 -27.12 11.82 5.55
N THR A 453 -26.46 12.24 6.62
CA THR A 453 -25.26 11.53 7.10
C THR A 453 -25.62 10.11 7.53
N PHE A 454 -26.75 9.96 8.21
CA PHE A 454 -27.21 8.63 8.70
C PHE A 454 -27.43 7.71 7.50
N LEU A 455 -28.08 8.21 6.44
CA LEU A 455 -28.36 7.36 5.27
C LEU A 455 -27.06 6.88 4.64
N SER A 456 -26.10 7.79 4.45
CA SER A 456 -24.80 7.49 3.83
C SER A 456 -23.97 6.55 4.69
N LYS A 457 -23.84 6.90 5.98
CA LYS A 457 -23.01 6.11 6.94
C LYS A 457 -23.60 4.71 7.12
N LYS A 458 -24.92 4.58 7.14
CA LYS A 458 -25.55 3.26 7.34
C LYS A 458 -25.28 2.38 6.12
N HIS A 459 -25.44 2.94 4.94
CA HIS A 459 -25.23 2.18 3.69
C HIS A 459 -23.77 1.72 3.58
N LYS A 460 -22.83 2.57 3.93
CA LYS A 460 -21.41 2.21 3.83
C LYS A 460 -21.09 1.05 4.76
N VAL A 461 -21.55 1.11 6.01
CA VAL A 461 -21.28 0.03 6.99
C VAL A 461 -21.96 -1.26 6.55
N GLU A 462 -23.21 -1.20 6.10
CA GLU A 462 -23.96 -2.42 5.71
C GLU A 462 -23.38 -3.08 4.46
N LYS A 463 -22.71 -2.33 3.59
CA LYS A 463 -22.18 -2.90 2.33
C LYS A 463 -20.81 -3.55 2.51
N GLN A 464 -20.10 -3.31 3.61
CA GLN A 464 -18.76 -3.89 3.79
C GLN A 464 -18.88 -5.40 3.71
N LYS A 465 -17.99 -6.04 2.96
CA LYS A 465 -18.12 -7.50 2.72
C LYS A 465 -17.22 -8.34 3.60
N ILE A 466 -17.70 -9.54 3.90
CA ILE A 466 -16.94 -10.57 4.65
C ILE A 466 -15.88 -11.13 3.70
N ASN A 467 -14.79 -11.67 4.23
CA ASN A 467 -13.76 -12.24 3.35
C ASN A 467 -14.08 -13.72 3.15
N PRO A 468 -14.21 -14.18 1.90
CA PRO A 468 -14.44 -15.58 1.63
C PRO A 468 -13.18 -16.40 1.88
N VAL A 469 -13.33 -17.69 2.12
CA VAL A 469 -12.13 -18.53 2.35
C VAL A 469 -11.82 -19.17 1.00
N ILE A 470 -10.74 -18.72 0.40
CA ILE A 470 -10.31 -19.15 -0.96
C ILE A 470 -9.01 -19.90 -0.80
N GLN A 471 -8.83 -20.94 -1.59
CA GLN A 471 -7.61 -21.76 -1.53
C GLN A 471 -6.43 -20.97 -2.08
N LYS A 472 -5.24 -21.36 -1.71
CA LYS A 472 -4.03 -20.63 -2.07
C LYS A 472 -3.36 -21.30 -3.26
N TYR A 473 -2.77 -20.51 -4.16
CA TYR A 473 -1.95 -21.16 -5.20
C TYR A 473 -0.63 -21.44 -4.47
N PRO A 474 -0.27 -22.71 -4.26
CA PRO A 474 0.87 -23.07 -3.43
C PRO A 474 2.31 -22.87 -3.90
N SER A 475 3.20 -22.69 -2.95
CA SER A 475 4.65 -22.59 -3.20
C SER A 475 5.34 -23.41 -2.11
N PHE A 476 6.45 -24.05 -2.43
CA PHE A 476 7.14 -24.98 -1.50
C PHE A 476 8.51 -24.47 -1.12
N ASN A 477 8.86 -24.65 0.14
CA ASN A 477 10.11 -24.09 0.71
C ASN A 477 11.14 -25.18 1.02
N PHE A 478 12.37 -24.95 0.58
CA PHE A 478 13.46 -25.91 0.79
C PHE A 478 14.52 -25.21 1.62
N GLY A 479 15.04 -25.89 2.62
CA GLY A 479 16.01 -25.19 3.47
C GLY A 479 16.75 -26.13 4.37
N ASN A 480 17.62 -25.55 5.16
CA ASN A 480 18.50 -26.26 6.11
C ASN A 480 17.71 -26.92 7.23
N ASN A 481 16.66 -26.27 7.73
CA ASN A 481 15.98 -26.80 8.93
C ASN A 481 14.47 -26.60 8.90
N SER A 482 13.72 -27.58 9.40
CA SER A 482 12.25 -27.53 9.59
C SER A 482 11.49 -27.36 8.29
N LYS A 483 12.08 -27.79 7.20
CA LYS A 483 11.45 -27.68 5.86
C LYS A 483 11.89 -28.86 5.00
N LEU A 484 11.46 -28.89 3.75
CA LEU A 484 11.97 -29.91 2.81
C LEU A 484 13.46 -29.61 2.72
N LEU A 485 14.31 -30.63 2.70
CA LEU A 485 15.77 -30.39 2.71
C LEU A 485 16.22 -29.73 1.41
N GLY A 486 16.96 -28.65 1.53
CA GLY A 486 17.48 -27.97 0.34
C GLY A 486 18.67 -27.13 0.69
N LYS A 487 19.51 -26.85 -0.28
CA LYS A 487 20.62 -25.94 0.00
C LYS A 487 21.09 -25.35 -1.32
N ILE A 488 21.66 -24.16 -1.23
CA ILE A 488 22.35 -23.57 -2.39
C ILE A 488 23.78 -24.09 -2.28
N ILE A 489 24.39 -24.55 -3.36
CA ILE A 489 25.79 -25.02 -3.25
C ILE A 489 26.55 -23.80 -2.75
N SER A 490 27.39 -23.95 -1.74
CA SER A 490 28.12 -22.79 -1.19
C SER A 490 29.19 -22.34 -2.17
N PRO A 491 29.66 -21.09 -2.12
CA PRO A 491 30.68 -20.60 -3.03
C PRO A 491 31.96 -21.42 -2.95
N LYS A 492 32.34 -21.84 -1.75
CA LYS A 492 33.55 -22.68 -1.56
C LYS A 492 33.35 -24.04 -2.22
N ASP A 493 32.18 -24.64 -2.03
CA ASP A 493 31.87 -25.95 -2.63
C ASP A 493 31.86 -25.80 -4.14
N LYS A 494 31.42 -24.65 -4.65
CA LYS A 494 31.38 -24.42 -6.11
C LYS A 494 32.80 -24.41 -6.67
N LEU A 495 33.72 -23.75 -5.99
CA LEU A 495 35.13 -23.68 -6.42
C LEU A 495 35.70 -25.10 -6.42
N LYS A 496 35.45 -25.86 -5.36
CA LYS A 496 35.94 -27.25 -5.24
C LYS A 496 35.30 -28.14 -6.31
N HIS A 497 34.02 -27.94 -6.57
CA HIS A 497 33.34 -28.79 -7.58
C HIS A 497 33.95 -28.55 -8.95
N ASN A 498 34.21 -27.29 -9.26
CA ASN A 498 34.80 -26.87 -10.56
C ASN A 498 36.23 -27.39 -10.70
N LEU A 499 37.02 -27.36 -9.63
CA LEU A 499 38.42 -27.83 -9.68
C LEU A 499 38.42 -29.33 -9.94
N LYS A 500 37.59 -30.04 -9.20
CA LYS A 500 37.49 -31.50 -9.31
C LYS A 500 37.00 -31.85 -10.71
N CYS A 501 36.33 -30.93 -11.37
CA CYS A 501 35.76 -31.20 -12.70
C CYS A 501 36.66 -30.68 -13.80
N ASN A 502 37.80 -30.10 -13.44
CA ASN A 502 38.76 -29.53 -14.43
C ASN A 502 38.03 -28.51 -15.29
N ARG A 503 37.13 -27.76 -14.66
CA ARG A 503 36.33 -26.68 -15.30
C ARG A 503 36.89 -25.34 -14.85
N ASN A 504 36.39 -24.26 -15.45
CA ASN A 504 36.85 -22.88 -15.12
C ASN A 504 36.53 -22.63 -13.64
N GLN A 505 37.38 -21.86 -12.98
CA GLN A 505 37.25 -21.59 -11.54
C GLN A 505 35.89 -20.93 -11.25
N VAL A 506 35.45 -20.01 -12.11
CA VAL A 506 34.19 -19.25 -11.87
C VAL A 506 33.25 -19.36 -13.07
N ASP A 507 31.96 -19.23 -12.81
CA ASP A 507 30.89 -19.28 -13.83
C ASP A 507 29.72 -18.41 -13.33
N ASN A 508 28.71 -18.25 -14.18
CA ASN A 508 27.58 -17.32 -13.89
C ASN A 508 26.30 -18.07 -13.51
N TYR A 509 26.44 -19.29 -12.98
CA TYR A 509 25.26 -20.10 -12.63
C TYR A 509 25.24 -20.40 -11.14
N ILE A 510 24.06 -20.63 -10.60
CA ILE A 510 23.88 -20.94 -9.16
C ILE A 510 23.23 -22.31 -9.09
N TRP A 511 23.78 -23.18 -8.27
CA TRP A 511 23.23 -24.55 -8.18
C TRP A 511 22.58 -24.78 -6.82
N ILE A 512 21.52 -25.57 -6.82
CA ILE A 512 20.81 -25.92 -5.55
C ILE A 512 20.72 -27.44 -5.50
N GLU A 513 20.71 -28.01 -4.31
CA GLU A 513 20.51 -29.46 -4.17
C GLU A 513 19.30 -29.59 -3.26
N ILE A 514 18.29 -30.32 -3.67
CA ILE A 514 17.08 -30.40 -2.82
C ILE A 514 16.67 -31.86 -2.67
N LYS A 515 16.18 -32.23 -1.48
CA LYS A 515 15.66 -33.58 -1.20
C LYS A 515 14.27 -33.60 -1.82
N VAL A 516 14.05 -34.47 -2.81
CA VAL A 516 12.77 -34.41 -3.55
C VAL A 516 12.19 -35.82 -3.60
N LEU A 517 10.89 -35.93 -3.71
CA LEU A 517 10.26 -37.26 -3.77
C LEU A 517 10.20 -37.72 -5.22
N ASN A 518 10.64 -38.96 -5.47
CA ASN A 518 10.50 -39.57 -6.81
C ASN A 518 9.10 -40.19 -6.77
N THR A 519 8.18 -39.65 -7.55
CA THR A 519 6.78 -40.10 -7.54
C THR A 519 6.64 -41.55 -8.01
N LYS A 520 7.55 -42.00 -8.86
CA LYS A 520 7.51 -43.40 -9.36
C LYS A 520 7.82 -44.36 -8.21
N THR A 521 8.87 -44.09 -7.46
CA THR A 521 9.24 -44.98 -6.34
C THR A 521 8.65 -44.50 -5.02
N MET A 522 8.16 -43.27 -4.99
CA MET A 522 7.63 -42.65 -3.74
C MET A 522 8.73 -42.67 -2.67
N ARG A 523 9.95 -42.34 -3.06
CA ARG A 523 11.09 -42.30 -2.13
C ARG A 523 11.87 -41.02 -2.36
N TRP A 524 12.58 -40.56 -1.35
CA TRP A 524 13.32 -39.28 -1.40
C TRP A 524 14.67 -39.46 -2.10
N GLU A 525 15.03 -38.46 -2.90
CA GLU A 525 16.30 -38.44 -3.64
C GLU A 525 16.82 -37.01 -3.65
N LYS A 526 18.10 -36.81 -3.42
CA LYS A 526 18.67 -35.45 -3.52
C LYS A 526 18.97 -35.20 -4.99
N HIS A 527 18.60 -34.05 -5.53
CA HIS A 527 18.86 -33.73 -6.95
C HIS A 527 19.45 -32.32 -7.06
N HIS A 528 20.21 -32.07 -8.12
CA HIS A 528 20.84 -30.77 -8.36
C HIS A 528 20.09 -30.04 -9.46
N TYR A 529 19.92 -28.73 -9.31
CA TYR A 529 19.23 -27.90 -10.33
C TYR A 529 20.01 -26.62 -10.50
N ALA A 530 19.99 -26.05 -11.70
CA ALA A 530 20.75 -24.83 -12.03
C ALA A 530 19.86 -23.60 -12.10
N LEU A 531 20.34 -22.47 -11.59
CA LEU A 531 19.60 -21.19 -11.56
C LEU A 531 20.47 -20.09 -12.12
N SER A 532 19.86 -19.01 -12.62
CA SER A 532 20.62 -17.84 -13.09
C SER A 532 20.03 -16.58 -12.48
N SER A 533 20.86 -15.73 -11.89
CA SER A 533 20.42 -14.41 -11.39
C SER A 533 21.64 -13.49 -11.30
N THR A 534 21.75 -12.53 -12.19
CA THR A 534 22.90 -11.60 -12.17
C THR A 534 22.89 -10.82 -10.85
N ARG A 535 21.73 -10.38 -10.38
CA ARG A 535 21.69 -9.58 -9.13
C ARG A 535 22.19 -10.41 -7.95
N PHE A 536 21.80 -11.67 -7.88
CA PHE A 536 22.26 -12.55 -6.77
C PHE A 536 23.77 -12.72 -6.85
N LEU A 537 24.30 -12.94 -8.04
CA LEU A 537 25.76 -13.12 -8.23
C LEU A 537 26.49 -11.87 -7.77
N GLU A 538 26.03 -10.71 -8.22
CA GLU A 538 26.73 -9.47 -7.87
C GLU A 538 26.70 -9.19 -6.37
N GLU A 539 25.53 -9.27 -5.76
CA GLU A 539 25.42 -8.87 -4.34
C GLU A 539 25.75 -9.99 -3.35
N VAL A 540 25.73 -11.25 -3.77
CA VAL A 540 25.93 -12.32 -2.76
C VAL A 540 26.89 -13.42 -3.22
N TYR A 541 26.48 -14.16 -4.25
CA TYR A 541 27.12 -15.39 -4.74
C TYR A 541 28.52 -15.31 -5.33
N TYR A 542 28.82 -14.40 -6.24
CA TYR A 542 30.16 -14.44 -6.88
C TYR A 542 31.21 -14.37 -5.79
N PRO A 543 32.27 -15.18 -5.89
CA PRO A 543 33.30 -15.24 -4.86
C PRO A 543 34.48 -14.28 -5.00
N ALA A 544 34.84 -13.66 -3.89
CA ALA A 544 36.04 -12.80 -3.82
C ALA A 544 37.19 -13.76 -3.54
N THR A 545 37.73 -14.35 -4.60
CA THR A 545 38.83 -15.34 -4.59
C THR A 545 40.19 -14.76 -4.22
N SER A 546 40.44 -13.51 -4.60
CA SER A 546 41.78 -12.90 -4.38
C SER A 546 42.07 -12.83 -2.91
N GLU A 547 43.35 -12.90 -2.55
CA GLU A 547 43.77 -12.85 -1.14
C GLU A 547 43.64 -11.42 -0.62
N ASN A 548 43.38 -11.27 0.67
CA ASN A 548 43.27 -9.91 1.24
C ASN A 548 42.22 -9.14 0.45
N PRO A 549 41.02 -9.73 0.28
CA PRO A 549 39.92 -9.08 -0.41
C PRO A 549 39.30 -8.10 0.59
N PRO A 550 38.54 -7.11 0.11
CA PRO A 550 37.94 -6.15 0.99
C PRO A 550 37.02 -6.92 1.95
N ASP A 551 36.89 -6.38 3.15
CA ASP A 551 36.07 -7.04 4.20
C ASP A 551 34.61 -7.03 3.77
N ALA A 552 33.79 -7.86 4.40
CA ALA A 552 32.34 -7.90 4.09
C ALA A 552 31.70 -6.60 4.57
N LEU A 553 30.69 -6.13 3.87
CA LEU A 553 30.05 -4.85 4.23
C LEU A 553 29.10 -5.06 5.41
N ALA A 554 28.94 -4.02 6.23
CA ALA A 554 28.05 -4.07 7.42
C ALA A 554 26.69 -4.60 6.98
N ALA A 555 26.08 -3.96 5.99
CA ALA A 555 24.86 -4.54 5.39
C ALA A 555 25.48 -5.60 4.49
N ARG A 556 25.15 -6.86 4.64
CA ARG A 556 25.92 -7.88 3.89
C ARG A 556 25.90 -7.72 2.37
N PHE A 557 24.81 -7.24 1.79
CA PHE A 557 24.65 -7.16 0.32
C PHE A 557 25.65 -6.20 -0.34
N ARG A 558 26.29 -6.68 -1.39
CA ARG A 558 27.29 -5.90 -2.14
C ARG A 558 26.59 -5.04 -3.17
N THR A 559 26.19 -3.84 -2.77
CA THR A 559 25.47 -2.90 -3.65
C THR A 559 26.10 -1.52 -3.55
N LYS A 560 25.73 -0.62 -4.45
CA LYS A 560 26.26 0.76 -4.50
C LYS A 560 25.85 1.50 -3.24
N THR A 561 24.61 1.33 -2.82
CA THR A 561 24.06 2.00 -1.62
C THR A 561 24.83 1.49 -0.39
N ASN A 562 25.38 0.29 -0.46
CA ASN A 562 26.13 -0.29 0.67
C ASN A 562 27.61 0.03 0.56
N GLY A 563 27.98 0.85 -0.42
CA GLY A 563 29.40 1.23 -0.55
C GLY A 563 30.18 0.45 -1.58
N TYR A 564 29.54 -0.33 -2.43
CA TYR A 564 30.35 -1.01 -3.47
C TYR A 564 29.89 -0.53 -4.85
N GLU A 565 30.71 0.29 -5.51
CA GLU A 565 30.35 0.88 -6.83
C GLU A 565 30.20 -0.21 -7.90
N GLY A 566 31.05 -1.22 -7.88
CA GLY A 566 31.00 -2.29 -8.90
C GLY A 566 31.22 -1.74 -10.30
N LYS A 567 32.12 -0.78 -10.46
CA LYS A 567 32.41 -0.24 -11.81
C LYS A 567 33.93 -0.22 -12.02
N PRO A 568 34.61 -1.37 -12.08
CA PRO A 568 36.05 -1.41 -12.26
C PRO A 568 36.43 -1.20 -13.72
N ALA A 569 37.68 -0.79 -13.99
CA ALA A 569 38.12 -0.59 -15.38
C ALA A 569 38.17 -1.94 -16.09
N LEU A 570 37.53 -2.02 -17.25
CA LEU A 570 37.47 -3.30 -18.00
C LEU A 570 38.71 -3.46 -18.88
N SER A 571 39.14 -4.71 -19.06
CA SER A 571 40.27 -5.07 -19.95
C SER A 571 39.78 -5.06 -21.39
N ALA A 572 40.71 -5.00 -22.34
CA ALA A 572 40.35 -4.96 -23.77
C ALA A 572 39.65 -6.24 -24.16
N GLU A 573 40.06 -7.37 -23.61
CA GLU A 573 39.38 -8.63 -24.03
C GLU A 573 37.98 -8.64 -23.42
N GLN A 574 37.85 -8.07 -22.22
CA GLN A 574 36.55 -8.03 -21.52
C GLN A 574 35.62 -7.09 -22.27
N ILE A 575 36.11 -5.91 -22.64
CA ILE A 575 35.22 -4.94 -23.33
C ILE A 575 34.88 -5.46 -24.73
N GLU A 576 35.77 -6.22 -25.37
CA GLU A 576 35.45 -6.79 -26.71
C GLU A 576 34.38 -7.86 -26.56
N GLN A 577 34.34 -8.56 -25.44
CA GLN A 577 33.30 -9.59 -25.19
C GLN A 577 31.92 -8.93 -25.17
N ILE A 578 31.83 -7.74 -24.60
CA ILE A 578 30.55 -6.98 -24.54
C ILE A 578 30.18 -6.55 -25.94
N ARG A 579 31.13 -5.97 -26.68
CA ARG A 579 30.85 -5.49 -28.06
C ARG A 579 30.54 -6.67 -28.97
N SER A 580 31.23 -7.78 -28.74
CA SER A 580 31.09 -9.00 -29.57
C SER A 580 29.73 -9.67 -29.38
N ALA A 581 29.09 -9.48 -28.24
CA ALA A 581 27.83 -10.21 -27.97
C ALA A 581 26.64 -9.57 -28.66
N PRO A 582 25.54 -10.33 -28.88
CA PRO A 582 24.32 -9.79 -29.47
C PRO A 582 23.67 -8.72 -28.57
N VAL A 583 22.83 -7.87 -29.16
CA VAL A 583 22.19 -6.75 -28.40
C VAL A 583 21.44 -7.27 -27.17
N GLY A 584 20.71 -8.38 -27.29
CA GLY A 584 19.93 -8.96 -26.19
C GLY A 584 20.74 -9.45 -25.01
N LEU A 585 22.03 -9.75 -25.20
CA LEU A 585 22.88 -10.26 -24.10
C LEU A 585 23.87 -9.20 -23.64
N ARG A 586 23.99 -8.10 -24.37
CA ARG A 586 25.02 -7.08 -24.04
C ARG A 586 24.87 -6.52 -22.62
N LYS A 587 23.65 -6.26 -22.17
CA LYS A 587 23.46 -5.66 -20.82
C LYS A 587 23.90 -6.63 -19.72
N VAL A 588 23.57 -7.90 -19.85
CA VAL A 588 23.95 -8.91 -18.83
C VAL A 588 25.44 -9.22 -18.97
N LYS A 589 25.95 -9.26 -20.20
CA LYS A 589 27.39 -9.55 -20.39
C LYS A 589 28.20 -8.43 -19.73
N LYS A 590 27.79 -7.18 -19.90
CA LYS A 590 28.52 -6.06 -19.30
C LYS A 590 28.53 -6.25 -17.78
N ARG A 591 27.40 -6.64 -17.22
CA ARG A 591 27.32 -6.84 -15.75
C ARG A 591 28.24 -7.98 -15.34
N GLN A 592 28.24 -9.08 -16.08
CA GLN A 592 29.11 -10.23 -15.77
C GLN A 592 30.58 -9.86 -15.96
N MET A 593 30.92 -9.18 -17.06
CA MET A 593 32.31 -8.77 -17.33
C MET A 593 32.73 -7.86 -16.19
N ARG A 594 31.86 -6.94 -15.81
CA ARG A 594 32.19 -6.00 -14.71
C ARG A 594 32.41 -6.77 -13.42
N LEU A 595 31.63 -7.83 -13.18
CA LEU A 595 31.77 -8.65 -11.95
C LEU A 595 33.12 -9.36 -11.95
N GLU A 596 33.49 -9.97 -13.08
CA GLU A 596 34.77 -10.70 -13.19
C GLU A 596 35.93 -9.72 -13.00
N ALA A 597 35.81 -8.50 -13.51
CA ALA A 597 36.90 -7.53 -13.37
C ALA A 597 37.13 -7.19 -11.90
N ALA A 598 36.07 -6.94 -11.15
CA ALA A 598 36.21 -6.58 -9.72
C ALA A 598 36.83 -7.73 -8.95
N ARG A 599 36.50 -8.97 -9.30
CA ARG A 599 37.08 -10.13 -8.60
C ARG A 599 38.59 -10.22 -8.87
N GLN A 600 38.97 -10.09 -10.14
CA GLN A 600 40.38 -10.16 -10.59
C GLN A 600 41.19 -9.02 -9.99
N GLN A 601 40.59 -7.83 -9.91
CA GLN A 601 41.32 -6.63 -9.42
C GLN A 601 41.22 -6.55 -7.91
N ASN A 602 40.63 -7.56 -7.29
CA ASN A 602 40.46 -7.62 -5.82
C ASN A 602 39.63 -6.44 -5.34
N LEU A 603 38.70 -5.96 -6.16
CA LEU A 603 37.82 -4.84 -5.75
C LEU A 603 36.51 -5.38 -5.16
N LEU A 604 36.19 -6.64 -5.43
CA LEU A 604 34.91 -7.25 -4.98
C LEU A 604 34.99 -7.58 -3.49
N PRO A 605 34.13 -7.02 -2.64
CA PRO A 605 34.15 -7.32 -1.22
C PRO A 605 33.66 -8.75 -0.94
N ARG A 606 33.99 -9.25 0.23
CA ARG A 606 33.59 -10.60 0.64
C ARG A 606 32.11 -10.60 0.98
N TYR A 607 31.48 -11.76 0.89
CA TYR A 607 30.10 -11.89 1.39
C TYR A 607 30.19 -13.01 2.42
N THR A 608 29.68 -12.83 3.62
CA THR A 608 29.79 -13.93 4.61
C THR A 608 28.70 -14.95 4.30
N TRP A 609 29.06 -16.16 3.88
CA TRP A 609 28.10 -17.22 3.53
C TRP A 609 27.58 -17.98 4.74
N GLY A 610 26.32 -18.34 4.69
CA GLY A 610 25.63 -19.14 5.71
C GLY A 610 24.45 -19.84 5.08
N LYS A 611 23.80 -20.72 5.81
CA LYS A 611 22.60 -21.35 5.23
C LYS A 611 21.45 -20.41 5.54
N ASP A 612 21.54 -19.20 5.04
CA ASP A 612 20.55 -18.13 5.30
C ASP A 612 19.51 -17.99 4.20
N PHE A 613 19.67 -18.65 3.07
CA PHE A 613 18.67 -18.41 1.99
C PHE A 613 17.68 -19.55 1.84
N ASN A 614 16.40 -19.21 1.96
CA ASN A 614 15.29 -20.15 1.77
C ASN A 614 15.11 -20.34 0.26
N ILE A 615 14.79 -21.54 -0.18
CA ILE A 615 14.51 -21.76 -1.62
C ILE A 615 13.01 -21.94 -1.76
N ASN A 616 12.37 -21.01 -2.44
CA ASN A 616 10.91 -21.12 -2.67
C ASN A 616 10.71 -21.55 -4.12
N ILE A 617 9.92 -22.57 -4.32
CA ILE A 617 9.63 -23.02 -5.71
C ILE A 617 8.12 -22.99 -5.91
N CYS A 618 7.71 -22.38 -7.00
CA CYS A 618 6.29 -22.30 -7.39
C CYS A 618 6.19 -22.82 -8.81
N LYS A 619 5.29 -23.75 -9.09
CA LYS A 619 5.23 -24.26 -10.46
C LYS A 619 3.92 -23.81 -11.13
N ARG A 620 4.05 -23.07 -12.22
CA ARG A 620 2.86 -22.70 -13.02
C ARG A 620 3.10 -23.34 -14.39
N GLY A 621 2.27 -24.31 -14.75
CA GLY A 621 2.50 -25.02 -16.01
C GLY A 621 3.85 -25.70 -16.00
N ASN A 622 4.64 -25.51 -17.04
CA ASN A 622 5.97 -26.16 -17.14
C ASN A 622 7.04 -25.18 -16.69
N ASN A 623 6.63 -24.08 -16.09
CA ASN A 623 7.59 -23.03 -15.66
C ASN A 623 7.83 -23.12 -14.15
N PHE A 624 9.09 -23.08 -13.74
CA PHE A 624 9.43 -23.10 -12.31
C PHE A 624 9.89 -21.72 -11.91
N GLU A 625 9.28 -21.14 -10.88
CA GLU A 625 9.73 -19.84 -10.37
C GLU A 625 10.50 -20.13 -9.10
N VAL A 626 11.77 -19.79 -9.03
CA VAL A 626 12.57 -20.09 -7.82
C VAL A 626 12.96 -18.78 -7.15
N THR A 627 12.65 -18.64 -5.87
CA THR A 627 12.98 -17.39 -5.16
C THR A 627 13.90 -17.70 -4.00
N LEU A 628 14.96 -16.91 -3.84
CA LEU A 628 15.92 -17.10 -2.74
C LEU A 628 15.72 -15.94 -1.77
N ALA A 629 15.34 -16.22 -0.54
CA ALA A 629 15.07 -15.13 0.41
C ALA A 629 15.83 -15.35 1.70
N THR A 630 16.36 -14.29 2.27
CA THR A 630 17.13 -14.40 3.52
C THR A 630 16.61 -13.39 4.53
N LYS A 631 16.58 -13.77 5.79
CA LYS A 631 16.16 -12.84 6.85
C LYS A 631 17.26 -11.79 6.97
N VAL A 632 16.88 -10.54 7.23
CA VAL A 632 17.89 -9.48 7.48
C VAL A 632 17.61 -8.95 8.89
N LYS A 633 18.59 -9.04 9.77
CA LYS A 633 18.40 -8.65 11.19
C LYS A 633 18.89 -7.23 11.45
N LYS A 634 18.14 -6.52 12.28
CA LYS A 634 18.46 -5.12 12.61
C LYS A 634 18.15 -4.87 14.08
N LYS A 635 18.92 -4.00 14.70
CA LYS A 635 18.69 -3.57 16.10
C LYS A 635 18.29 -2.10 16.02
N LYS A 636 17.20 -1.71 16.65
CA LYS A 636 16.71 -0.31 16.57
C LYS A 636 17.75 0.62 17.21
N GLU A 637 17.92 1.81 16.64
CA GLU A 637 18.86 2.83 17.16
C GLU A 637 18.03 4.08 17.43
N LYS A 638 17.41 4.11 18.59
CA LYS A 638 16.48 5.16 19.08
C LYS A 638 17.17 6.51 19.29
N ASN A 639 18.49 6.53 19.42
CA ASN A 639 19.17 7.83 19.70
C ASN A 639 19.43 8.59 18.41
N TYR A 640 18.40 9.22 17.86
CA TYR A 640 18.52 9.93 16.58
C TYR A 640 19.38 11.17 16.70
N LYS A 641 20.16 11.43 15.67
CA LYS A 641 20.96 12.67 15.61
C LYS A 641 20.40 13.54 14.50
N VAL A 642 19.74 12.92 13.52
CA VAL A 642 19.22 13.68 12.36
C VAL A 642 17.79 13.25 12.07
N VAL A 643 16.99 14.20 11.59
CA VAL A 643 15.60 13.90 11.15
C VAL A 643 15.55 14.24 9.67
N LEU A 644 15.08 13.34 8.83
CA LEU A 644 14.95 13.66 7.41
C LEU A 644 13.46 13.74 7.08
N GLY A 645 12.96 14.93 6.78
CA GLY A 645 11.55 15.10 6.41
C GLY A 645 11.39 14.92 4.92
N TYR A 646 10.32 14.27 4.49
CA TYR A 646 10.12 14.06 3.04
C TYR A 646 8.74 14.57 2.65
N ASP A 647 8.66 15.38 1.61
CA ASP A 647 7.36 15.92 1.16
C ASP A 647 7.04 15.26 -0.16
N ALA A 648 5.89 14.61 -0.26
CA ALA A 648 5.46 13.89 -1.48
C ALA A 648 4.56 14.79 -2.31
N ASN A 649 4.90 14.94 -3.57
CA ASN A 649 4.13 15.84 -4.46
C ASN A 649 3.63 15.06 -5.67
N ILE A 650 2.78 15.68 -6.47
CA ILE A 650 2.20 14.95 -7.63
C ILE A 650 2.85 15.43 -8.92
N VAL A 651 2.62 16.69 -9.28
CA VAL A 651 3.23 17.26 -10.51
C VAL A 651 4.61 17.79 -10.14
N ARG A 652 4.68 18.54 -9.04
CA ARG A 652 5.95 19.14 -8.59
C ARG A 652 6.86 18.04 -8.06
N LYS A 653 8.14 18.36 -7.95
CA LYS A 653 9.15 17.39 -7.47
C LYS A 653 8.94 17.11 -5.99
N ASN A 654 9.33 15.91 -5.57
CA ASN A 654 9.33 15.56 -4.13
C ASN A 654 10.51 16.27 -3.47
N THR A 655 10.45 16.48 -2.16
CA THR A 655 11.56 17.19 -1.50
C THR A 655 11.95 16.52 -0.19
N TYR A 656 13.14 16.85 0.29
CA TYR A 656 13.66 16.33 1.57
C TYR A 656 14.34 17.48 2.31
N ALA A 657 14.34 17.41 3.62
CA ALA A 657 15.04 18.42 4.43
C ALA A 657 15.68 17.67 5.58
N ALA A 658 16.93 17.98 5.92
CA ALA A 658 17.62 17.30 7.03
C ALA A 658 17.77 18.30 8.18
N ILE A 659 17.48 17.86 9.40
CA ILE A 659 17.59 18.72 10.61
C ILE A 659 18.50 18.01 11.62
N GLU A 660 19.57 18.67 12.04
CA GLU A 660 20.46 18.07 13.06
C GLU A 660 19.86 18.38 14.42
N ALA A 661 19.82 17.39 15.29
CA ALA A 661 19.29 17.53 16.66
C ALA A 661 20.48 17.57 17.61
N HIS A 662 20.33 18.24 18.75
CA HIS A 662 21.45 18.40 19.72
C HIS A 662 22.63 19.04 19.00
N ALA A 663 22.31 20.01 18.15
CA ALA A 663 23.32 20.75 17.38
C ALA A 663 23.96 21.82 18.25
N ASN A 664 25.22 22.13 17.98
CA ASN A 664 25.96 23.21 18.67
C ASN A 664 26.73 23.96 17.58
N GLY A 665 26.86 25.27 17.66
CA GLY A 665 27.61 25.92 16.58
C GLY A 665 26.95 27.17 16.07
N ASP A 666 27.43 27.66 14.93
CA ASP A 666 26.99 28.94 14.35
C ASP A 666 25.51 28.94 13.93
N GLY A 667 25.00 27.89 13.32
CA GLY A 667 23.62 27.96 12.80
C GLY A 667 22.56 27.42 13.74
N VAL A 668 22.91 27.12 14.98
CA VAL A 668 21.94 26.48 15.91
C VAL A 668 20.72 27.36 16.12
N ILE A 669 19.55 26.73 16.19
CA ILE A 669 18.26 27.42 16.43
C ILE A 669 17.72 26.83 17.72
N ASP A 670 17.10 27.63 18.58
CA ASP A 670 16.59 26.99 19.81
C ASP A 670 15.13 26.63 19.58
N TYR A 671 14.85 25.35 19.38
CA TYR A 671 13.44 24.95 19.17
C TYR A 671 12.90 24.32 20.45
N ASN A 672 12.23 25.14 21.27
CA ASN A 672 11.56 24.69 22.50
C ASN A 672 12.52 23.90 23.38
N ASP A 673 13.74 24.39 23.51
CA ASP A 673 14.80 23.80 24.36
C ASP A 673 15.57 22.70 23.63
N LEU A 674 15.23 22.43 22.37
CA LEU A 674 16.06 21.43 21.65
C LEU A 674 16.93 22.19 20.66
N PRO A 675 18.26 22.17 20.78
CA PRO A 675 19.09 22.85 19.80
C PRO A 675 19.08 22.05 18.50
N VAL A 676 18.67 22.71 17.41
CA VAL A 676 18.60 22.04 16.08
C VAL A 676 19.30 22.93 15.05
N LYS A 677 19.80 22.33 13.98
CA LYS A 677 20.44 23.08 12.89
C LYS A 677 19.86 22.57 11.57
N PRO A 678 19.34 23.41 10.67
CA PRO A 678 18.83 22.93 9.41
C PRO A 678 20.01 22.60 8.51
N ILE A 679 20.36 21.33 8.36
CA ILE A 679 21.53 20.89 7.54
C ILE A 679 21.37 21.15 6.04
N GLU A 680 20.33 20.61 5.41
CA GLU A 680 20.17 20.84 3.95
C GLU A 680 18.77 20.44 3.50
N SER A 681 18.39 20.91 2.32
CA SER A 681 17.11 20.53 1.68
C SER A 681 17.38 20.28 0.20
N GLY A 682 16.52 19.54 -0.46
CA GLY A 682 16.78 19.25 -1.87
C GLY A 682 15.58 18.67 -2.56
N PHE A 683 15.68 18.50 -3.86
CA PHE A 683 14.58 17.91 -4.66
C PHE A 683 14.99 16.50 -5.02
N VAL A 684 14.02 15.62 -5.16
CA VAL A 684 14.34 14.23 -5.55
C VAL A 684 14.35 14.22 -7.06
N THR A 685 15.46 13.81 -7.65
CA THR A 685 15.57 13.72 -9.12
C THR A 685 16.21 12.38 -9.45
N VAL A 686 15.84 11.79 -10.58
CA VAL A 686 16.51 10.53 -10.97
C VAL A 686 17.14 10.82 -12.33
N GLU A 687 18.45 11.04 -12.32
CA GLU A 687 19.18 11.41 -13.55
C GLU A 687 19.64 10.17 -14.31
N SER A 688 19.44 10.20 -15.62
CA SER A 688 19.90 9.15 -16.55
C SER A 688 20.79 9.86 -17.55
N GLN A 689 22.01 9.39 -17.74
CA GLN A 689 22.92 10.08 -18.68
C GLN A 689 22.61 9.66 -20.10
N VAL A 690 22.57 10.62 -21.01
CA VAL A 690 22.41 10.32 -22.46
C VAL A 690 23.51 11.11 -23.16
N ARG A 691 24.52 10.40 -23.67
CA ARG A 691 25.68 11.07 -24.30
C ARG A 691 26.26 12.03 -23.26
N ASP A 692 26.24 13.33 -23.53
CA ASP A 692 26.85 14.31 -22.59
C ASP A 692 25.80 15.00 -21.73
N LYS A 693 24.51 14.72 -21.96
CA LYS A 693 23.46 15.37 -21.15
C LYS A 693 22.84 14.36 -20.19
N SER A 694 22.02 14.85 -19.26
CA SER A 694 21.33 14.00 -18.26
C SER A 694 19.85 14.35 -18.25
N TYR A 695 18.98 13.35 -18.10
CA TYR A 695 17.52 13.62 -18.07
C TYR A 695 16.92 13.15 -16.74
N ASP A 696 16.19 14.03 -16.04
CA ASP A 696 15.58 13.64 -14.76
C ASP A 696 14.34 12.83 -15.15
N GLN A 697 14.33 11.55 -14.82
CA GLN A 697 13.24 10.62 -15.18
C GLN A 697 11.93 11.11 -14.58
N LEU A 698 12.00 11.68 -13.39
CA LEU A 698 10.83 12.19 -12.63
C LEU A 698 10.19 13.44 -13.24
N SER A 699 10.95 14.28 -13.93
CA SER A 699 10.33 15.56 -14.40
C SER A 699 10.34 15.74 -15.92
N TYR A 700 11.12 14.98 -16.66
CA TYR A 700 11.26 15.20 -18.11
C TYR A 700 9.91 15.05 -18.81
N ASN A 701 9.55 16.04 -19.64
CA ASN A 701 8.26 16.04 -20.38
C ASN A 701 8.46 15.73 -21.86
N GLY A 702 9.66 15.33 -22.27
CA GLY A 702 9.93 14.96 -23.66
C GLY A 702 10.58 16.07 -24.46
N VAL A 703 11.05 15.74 -25.66
CA VAL A 703 11.69 16.76 -26.54
C VAL A 703 10.62 17.68 -27.10
N LYS A 704 11.03 18.91 -27.37
CA LYS A 704 10.10 19.91 -27.95
C LYS A 704 9.77 19.44 -29.36
N LEU A 705 8.63 19.91 -29.86
CA LEU A 705 8.02 19.55 -31.16
C LEU A 705 8.93 20.01 -32.29
N LEU A 706 9.90 20.84 -31.92
CA LEU A 706 10.87 21.43 -32.87
C LEU A 706 11.61 20.29 -33.54
N TYR A 707 11.89 19.22 -32.81
CA TYR A 707 12.66 18.08 -33.38
C TYR A 707 11.75 16.93 -33.79
N CYS A 708 10.44 17.16 -33.82
CA CYS A 708 9.48 16.07 -34.19
C CYS A 708 8.56 16.51 -35.31
N LYS A 709 9.06 17.32 -36.24
CA LYS A 709 8.20 17.90 -37.30
C LYS A 709 7.61 16.79 -38.13
N PRO A 710 8.37 15.76 -38.53
CA PRO A 710 7.82 14.70 -39.34
C PRO A 710 6.67 14.10 -38.54
N HIS A 711 6.90 13.91 -37.24
CA HIS A 711 5.86 13.29 -36.38
C HIS A 711 4.62 14.20 -36.33
N VAL A 712 4.82 15.48 -36.05
CA VAL A 712 3.66 16.40 -35.94
C VAL A 712 2.93 16.46 -37.29
N GLU A 713 3.68 16.66 -38.38
CA GLU A 713 3.03 16.80 -39.71
C GLU A 713 2.26 15.52 -39.98
N SER A 714 2.85 14.38 -39.67
CA SER A 714 2.18 13.10 -39.93
C SER A 714 0.89 13.06 -39.11
N ARG A 715 0.95 13.51 -37.85
CA ARG A 715 -0.24 13.53 -36.97
C ARG A 715 -1.25 14.54 -37.50
N ARG A 716 -0.77 15.72 -37.89
CA ARG A 716 -1.61 16.81 -38.43
C ARG A 716 -2.30 16.36 -39.74
N SER A 717 -1.60 15.58 -40.56
CA SER A 717 -2.24 15.15 -41.83
C SER A 717 -3.44 14.26 -41.55
N PHE A 718 -3.31 13.27 -40.67
CA PHE A 718 -4.42 12.33 -40.37
C PHE A 718 -5.64 13.03 -39.76
N LEU A 719 -5.43 13.92 -38.79
CA LEU A 719 -6.56 14.61 -38.14
C LEU A 719 -7.30 15.48 -39.16
N GLU A 720 -6.59 15.97 -40.17
CA GLU A 720 -7.19 16.88 -41.19
C GLU A 720 -8.32 16.13 -41.91
N LYS A 721 -8.04 14.89 -42.30
CA LYS A 721 -9.00 14.03 -43.02
C LYS A 721 -10.16 13.69 -42.09
N TYR A 722 -10.08 14.11 -40.82
CA TYR A 722 -11.15 13.77 -39.85
C TYR A 722 -11.31 14.95 -38.89
N ARG A 723 -11.01 16.15 -39.37
CA ARG A 723 -11.11 17.39 -38.56
C ARG A 723 -12.59 17.78 -38.37
N ASN A 724 -13.46 17.30 -39.26
CA ASN A 724 -14.93 17.51 -39.20
C ASN A 724 -15.42 17.02 -37.83
N GLY A 725 -16.14 17.87 -37.09
CA GLY A 725 -16.68 17.48 -35.77
C GLY A 725 -17.73 18.47 -35.28
N THR A 726 -18.84 17.94 -34.75
CA THR A 726 -19.99 18.75 -34.24
C THR A 726 -19.89 18.93 -32.72
N MET A 727 -20.76 19.79 -32.16
CA MET A 727 -20.77 20.07 -30.70
C MET A 727 -22.21 20.05 -30.20
N LYS A 728 -22.54 19.12 -29.29
CA LYS A 728 -23.93 18.96 -28.78
C LYS A 728 -24.18 20.03 -27.72
N ASP A 729 -23.11 20.70 -27.27
CA ASP A 729 -23.22 21.75 -26.23
C ASP A 729 -23.25 23.13 -26.91
N ASN A 730 -24.38 23.50 -27.51
CA ASN A 730 -24.44 24.81 -28.20
C ASN A 730 -25.80 25.48 -27.98
N ARG A 731 -26.50 25.10 -26.91
CA ARG A 731 -27.85 25.64 -26.59
C ARG A 731 -28.77 25.39 -27.80
N GLY A 732 -29.08 24.13 -28.07
CA GLY A 732 -29.94 23.77 -29.20
C GLY A 732 -29.11 23.29 -30.38
N ASN A 733 -29.24 23.97 -31.53
CA ASN A 733 -28.46 23.59 -32.74
C ASN A 733 -26.98 23.51 -32.37
N ASN A 734 -26.37 22.34 -32.59
CA ASN A 734 -24.95 22.11 -32.26
C ASN A 734 -24.06 22.91 -33.21
N ILE A 735 -22.88 23.32 -32.75
CA ILE A 735 -21.94 24.14 -33.59
C ILE A 735 -20.82 23.24 -34.10
N GLN A 736 -20.71 23.08 -35.42
CA GLN A 736 -19.64 22.21 -35.96
C GLN A 736 -18.31 22.96 -35.79
N ILE A 737 -17.58 22.69 -34.70
CA ILE A 737 -16.28 23.39 -34.45
C ILE A 737 -15.14 22.68 -35.17
N ASP A 738 -13.91 23.19 -35.01
CA ASP A 738 -12.78 22.60 -35.75
C ASP A 738 -11.70 22.06 -34.81
N PHE A 739 -11.35 20.78 -34.98
CA PHE A 739 -10.31 20.11 -34.16
C PHE A 739 -8.94 20.74 -34.42
N MET A 740 -8.69 21.08 -35.68
CA MET A 740 -7.40 21.61 -36.18
C MET A 740 -7.03 22.91 -35.47
N LYS A 741 -8.02 23.73 -35.12
CA LYS A 741 -7.66 24.98 -34.40
C LYS A 741 -7.06 24.54 -33.07
N ASP A 742 -7.68 23.54 -32.46
CA ASP A 742 -7.23 22.93 -31.18
C ASP A 742 -5.86 22.30 -31.41
N PHE A 743 -5.70 21.60 -32.53
CA PHE A 743 -4.43 20.91 -32.83
C PHE A 743 -3.27 21.89 -32.97
N GLU A 744 -3.45 22.96 -33.71
CA GLU A 744 -2.31 23.89 -33.98
C GLU A 744 -1.81 24.50 -32.67
N ALA A 745 -2.71 24.65 -31.70
CA ALA A 745 -2.38 25.24 -30.39
C ALA A 745 -1.35 24.35 -29.69
N ILE A 746 -1.46 23.03 -29.86
CA ILE A 746 -0.54 22.09 -29.18
C ILE A 746 0.61 21.69 -30.10
N ALA A 747 0.65 22.23 -31.31
CA ALA A 747 1.71 21.84 -32.27
C ALA A 747 2.87 22.85 -32.26
N ASP A 748 2.87 23.76 -31.30
CA ASP A 748 3.93 24.78 -31.20
C ASP A 748 5.26 24.05 -31.09
N ASP A 749 6.30 24.57 -31.72
CA ASP A 749 7.65 23.96 -31.69
C ASP A 749 8.16 23.91 -30.26
N GLU A 750 7.73 24.88 -29.45
CA GLU A 750 8.13 25.03 -28.04
C GLU A 750 7.49 23.96 -27.14
N THR A 751 6.38 23.37 -27.56
CA THR A 751 5.68 22.42 -26.67
C THR A 751 6.43 21.10 -26.57
N SER A 752 6.29 20.43 -25.41
CA SER A 752 6.91 19.11 -25.13
C SER A 752 6.18 18.00 -25.88
N LEU A 753 6.91 16.96 -26.29
CA LEU A 753 6.33 15.83 -27.04
C LEU A 753 5.27 15.10 -26.21
N TYR A 754 5.55 14.83 -24.94
CA TYR A 754 4.59 14.07 -24.10
C TYR A 754 3.30 14.86 -23.96
N TYR A 755 3.39 16.16 -23.75
CA TYR A 755 2.16 16.95 -23.63
C TYR A 755 1.43 16.89 -24.97
N PHE A 756 2.17 17.04 -26.05
CA PHE A 756 1.54 17.00 -27.39
C PHE A 756 0.94 15.62 -27.62
N ASN A 757 1.68 14.58 -27.31
CA ASN A 757 1.16 13.22 -27.51
C ASN A 757 -0.07 13.02 -26.63
N MET A 758 -0.01 13.41 -25.37
CA MET A 758 -1.16 13.20 -24.46
C MET A 758 -2.36 13.99 -24.99
N LYS A 759 -2.13 15.24 -25.37
CA LYS A 759 -3.22 16.09 -25.90
C LYS A 759 -3.78 15.52 -27.20
N TYR A 760 -2.93 14.99 -28.07
CA TYR A 760 -3.40 14.45 -29.36
C TYR A 760 -4.33 13.26 -29.15
N CYS A 761 -4.05 12.43 -28.14
CA CYS A 761 -4.91 11.26 -27.86
C CYS A 761 -6.30 11.77 -27.51
N LYS A 762 -6.37 12.84 -26.72
CA LYS A 762 -7.69 13.41 -26.34
C LYS A 762 -8.41 13.94 -27.58
N LEU A 763 -7.72 14.65 -28.47
CA LEU A 763 -8.35 15.18 -29.71
C LEU A 763 -8.80 14.01 -30.55
N LEU A 764 -7.97 13.00 -30.67
CA LEU A 764 -8.32 11.83 -31.49
C LEU A 764 -9.56 11.19 -30.89
N GLN A 765 -9.67 11.22 -29.57
CA GLN A 765 -10.85 10.62 -28.92
C GLN A 765 -12.08 11.39 -29.37
N SER A 766 -11.99 12.72 -29.37
CA SER A 766 -13.11 13.59 -29.80
C SER A 766 -13.42 13.35 -31.27
N SER A 767 -12.41 13.18 -32.11
CA SER A 767 -12.71 12.93 -33.54
C SER A 767 -13.51 11.64 -33.65
N ILE A 768 -13.09 10.60 -32.93
CA ILE A 768 -13.76 9.26 -32.96
C ILE A 768 -15.17 9.38 -32.41
N ARG A 769 -15.35 10.15 -31.34
CA ARG A 769 -16.70 10.29 -30.75
C ARG A 769 -17.60 10.95 -31.81
N ASN A 770 -17.02 11.87 -32.58
CA ASN A 770 -17.76 12.62 -33.61
C ASN A 770 -17.86 11.84 -34.91
N HIS A 771 -17.20 10.68 -35.02
CA HIS A 771 -17.27 9.86 -36.26
C HIS A 771 -17.42 8.40 -35.86
N SER A 772 -18.43 8.11 -35.05
CA SER A 772 -18.59 6.77 -34.43
C SER A 772 -18.58 5.68 -35.51
N SER A 773 -19.18 5.95 -36.66
CA SER A 773 -19.29 4.93 -37.72
C SER A 773 -17.95 4.67 -38.39
N GLN A 774 -16.92 5.46 -38.07
CA GLN A 774 -15.64 5.28 -38.79
C GLN A 774 -14.51 4.90 -37.84
N ALA A 775 -14.81 4.27 -36.71
CA ALA A 775 -13.76 3.87 -35.73
C ALA A 775 -12.64 3.10 -36.40
N LYS A 776 -12.95 2.13 -37.27
CA LYS A 776 -11.97 1.28 -38.00
C LYS A 776 -10.91 2.10 -38.74
N GLU A 777 -11.27 3.32 -39.15
CA GLU A 777 -10.41 4.21 -39.96
C GLU A 777 -9.24 4.75 -39.14
N TYR A 778 -9.41 4.83 -37.83
CA TYR A 778 -8.38 5.40 -36.92
C TYR A 778 -7.39 4.33 -36.45
N ARG A 779 -7.76 3.07 -36.61
CA ARG A 779 -6.96 1.91 -36.16
C ARG A 779 -5.48 2.07 -36.52
N GLU A 780 -5.16 2.38 -37.77
CA GLU A 780 -3.76 2.50 -38.23
C GLU A 780 -3.07 3.69 -37.56
N GLU A 781 -3.81 4.79 -37.39
CA GLU A 781 -3.26 6.04 -36.80
C GLU A 781 -2.93 5.81 -35.31
N ILE A 782 -3.77 5.05 -34.62
CA ILE A 782 -3.55 4.78 -33.17
C ILE A 782 -2.25 3.98 -33.03
N PHE A 783 -2.03 3.00 -33.91
CA PHE A 783 -0.82 2.15 -33.83
C PHE A 783 0.44 2.99 -33.98
N GLU A 784 0.46 3.93 -34.91
CA GLU A 784 1.67 4.75 -35.14
C GLU A 784 1.87 5.69 -33.96
N LEU A 785 0.77 6.22 -33.43
CA LEU A 785 0.79 7.14 -32.27
C LEU A 785 1.23 6.44 -30.98
N LEU A 786 0.66 5.27 -30.71
CA LEU A 786 0.94 4.54 -29.45
C LEU A 786 2.05 3.50 -29.59
N ARG A 787 2.17 2.83 -30.72
CA ARG A 787 3.13 1.72 -30.74
C ARG A 787 4.27 1.88 -31.74
N ASP A 788 3.94 1.81 -33.02
CA ASP A 788 4.87 1.78 -34.17
C ASP A 788 5.66 3.06 -34.38
N GLY A 789 5.06 4.22 -34.15
CA GLY A 789 5.78 5.46 -34.45
C GLY A 789 7.07 5.55 -33.67
N LYS A 790 8.06 6.21 -34.27
CA LYS A 790 9.40 6.40 -33.68
C LYS A 790 9.26 7.16 -32.37
N LEU A 791 8.28 8.05 -32.31
CA LEU A 791 8.02 8.90 -31.12
C LEU A 791 6.72 8.49 -30.45
N SER A 792 6.34 7.21 -30.59
CA SER A 792 5.06 6.70 -30.04
C SER A 792 5.13 6.67 -28.51
N VAL A 793 3.98 6.48 -27.88
CA VAL A 793 3.89 6.46 -26.39
C VAL A 793 4.74 5.30 -25.85
N LEU A 794 4.63 4.13 -26.48
CA LEU A 794 5.37 2.93 -26.05
C LEU A 794 6.89 3.13 -26.20
N LYS A 795 7.32 3.80 -27.26
CA LYS A 795 8.77 4.04 -27.48
C LYS A 795 9.38 5.08 -26.54
N LEU A 796 8.68 6.19 -26.28
CA LEU A 796 9.27 7.25 -25.41
C LEU A 796 8.28 7.73 -24.36
N SER A 797 8.67 7.70 -23.09
CA SER A 797 7.91 8.27 -21.96
C SER A 797 8.82 8.36 -20.74
N SER A 798 8.71 9.41 -19.94
CA SER A 798 9.48 9.49 -18.69
C SER A 798 8.63 8.98 -17.52
N LEU A 799 9.07 9.27 -16.29
CA LEU A 799 8.35 8.91 -15.05
C LEU A 799 7.70 10.16 -14.50
N SER A 800 7.62 11.20 -15.32
CA SER A 800 6.99 12.48 -14.91
C SER A 800 5.48 12.27 -14.83
N ASN A 801 4.78 13.14 -14.13
CA ASN A 801 3.32 12.99 -13.98
C ASN A 801 2.66 13.02 -15.35
N LEU A 802 3.13 13.90 -16.23
CA LEU A 802 2.55 14.04 -17.58
C LEU A 802 2.69 12.72 -18.33
N SER A 803 3.81 12.05 -18.20
CA SER A 803 4.01 10.77 -18.91
C SER A 803 2.99 9.74 -18.43
N PHE A 804 2.72 9.71 -17.14
CA PHE A 804 1.74 8.76 -16.57
C PHE A 804 0.34 9.08 -17.10
N VAL A 805 0.03 10.37 -17.17
CA VAL A 805 -1.28 10.88 -17.69
C VAL A 805 -1.38 10.52 -19.18
N MET A 806 -0.27 10.58 -19.90
CA MET A 806 -0.26 10.23 -21.33
C MET A 806 -0.63 8.76 -21.49
N PHE A 807 -0.13 7.89 -20.61
CA PHE A 807 -0.46 6.45 -20.67
C PHE A 807 -1.94 6.27 -20.33
N LYS A 808 -2.42 7.05 -19.38
CA LYS A 808 -3.84 6.98 -18.97
C LYS A 808 -4.74 7.38 -20.14
N VAL A 809 -4.42 8.48 -20.82
CA VAL A 809 -5.26 8.93 -21.97
C VAL A 809 -5.19 7.92 -23.12
N ALA A 810 -4.03 7.32 -23.33
CA ALA A 810 -3.88 6.33 -24.42
C ALA A 810 -4.83 5.16 -24.15
N LYS A 811 -4.92 4.73 -22.90
CA LYS A 811 -5.82 3.62 -22.53
C LYS A 811 -7.24 4.06 -22.83
N SER A 812 -7.57 5.30 -22.50
CA SER A 812 -8.93 5.83 -22.72
C SER A 812 -9.26 5.83 -24.21
N LEU A 813 -8.31 6.26 -25.04
CA LEU A 813 -8.54 6.34 -26.50
C LEU A 813 -8.83 4.94 -27.03
N ILE A 814 -8.07 3.94 -26.57
CA ILE A 814 -8.31 2.55 -27.03
C ILE A 814 -9.71 2.14 -26.59
N GLY A 815 -10.14 2.58 -25.42
CA GLY A 815 -11.49 2.23 -24.95
C GLY A 815 -12.52 2.83 -25.88
N THR A 816 -12.30 4.08 -26.26
CA THR A 816 -13.19 4.80 -27.19
C THR A 816 -13.18 4.12 -28.55
N TYR A 817 -12.01 3.73 -29.04
CA TYR A 817 -12.00 3.10 -30.38
C TYR A 817 -12.86 1.85 -30.31
N PHE A 818 -12.63 1.03 -29.29
CA PHE A 818 -13.41 -0.23 -29.13
C PHE A 818 -14.88 0.06 -28.84
N GLY A 819 -15.18 1.01 -27.99
CA GLY A 819 -16.60 1.22 -27.67
C GLY A 819 -17.39 1.63 -28.89
N HIS A 820 -16.88 2.60 -29.63
CA HIS A 820 -17.53 3.09 -30.87
C HIS A 820 -17.54 1.97 -31.92
N LEU A 821 -16.48 1.16 -31.96
CA LEU A 821 -16.39 0.09 -32.98
C LEU A 821 -17.50 -0.94 -32.82
N LEU A 822 -17.95 -1.19 -31.60
CA LEU A 822 -18.98 -2.23 -31.35
C LEU A 822 -20.33 -1.63 -30.93
N LYS A 823 -20.52 -0.35 -31.19
CA LYS A 823 -21.76 0.35 -30.82
C LYS A 823 -22.91 -0.17 -31.67
N LYS A 824 -24.13 -0.20 -31.10
CA LYS A 824 -25.32 -0.63 -31.84
C LYS A 824 -26.57 -0.36 -31.00
N PRO A 825 -27.72 0.00 -31.60
CA PRO A 825 -28.96 0.27 -30.89
C PRO A 825 -29.85 -0.98 -30.93
N ALA A 834 -27.96 -4.96 -26.49
CA ALA A 834 -28.38 -5.59 -25.23
C ALA A 834 -27.26 -6.51 -24.71
N PRO A 835 -26.70 -7.39 -25.55
CA PRO A 835 -25.67 -8.31 -25.09
C PRO A 835 -24.51 -7.38 -24.74
N PRO A 836 -23.90 -7.49 -23.54
CA PRO A 836 -22.81 -6.61 -23.13
C PRO A 836 -21.54 -6.92 -23.94
N ILE A 837 -20.65 -5.94 -24.08
CA ILE A 837 -19.37 -6.13 -24.84
C ILE A 837 -18.32 -6.58 -23.84
N THR A 838 -17.65 -7.70 -24.10
CA THR A 838 -16.64 -8.22 -23.16
C THR A 838 -15.24 -8.12 -23.78
N ASP A 839 -14.22 -8.50 -23.02
CA ASP A 839 -12.82 -8.49 -23.48
C ASP A 839 -12.66 -9.51 -24.61
N GLU A 840 -13.39 -10.63 -24.52
CA GLU A 840 -13.34 -11.70 -25.54
C GLU A 840 -13.82 -11.10 -26.86
N ASP A 841 -14.88 -10.29 -26.79
CA ASP A 841 -15.45 -9.66 -28.00
C ASP A 841 -14.40 -8.73 -28.62
N LYS A 842 -13.78 -7.91 -27.79
CA LYS A 842 -12.76 -6.95 -28.25
C LYS A 842 -11.55 -7.69 -28.82
N GLN A 843 -11.13 -8.76 -28.16
CA GLN A 843 -9.94 -9.50 -28.66
C GLN A 843 -10.25 -10.07 -30.04
N LYS A 844 -11.41 -10.69 -30.19
CA LYS A 844 -11.80 -11.21 -31.53
C LYS A 844 -11.96 -10.03 -32.45
N ALA A 845 -12.60 -8.96 -32.00
CA ALA A 845 -12.82 -7.83 -32.92
C ALA A 845 -11.50 -7.24 -33.41
N ASP A 846 -10.53 -6.99 -32.54
CA ASP A 846 -9.22 -6.44 -33.00
C ASP A 846 -8.09 -6.96 -32.11
N PRO A 847 -7.48 -8.12 -32.42
CA PRO A 847 -6.45 -8.67 -31.56
C PRO A 847 -5.26 -7.72 -31.39
N GLU A 848 -4.84 -7.06 -32.46
CA GLU A 848 -3.68 -6.15 -32.37
C GLU A 848 -3.99 -4.98 -31.43
N MET A 849 -5.18 -4.41 -31.56
CA MET A 849 -5.55 -3.25 -30.69
C MET A 849 -5.64 -3.73 -29.25
N PHE A 850 -6.21 -4.91 -29.05
CA PHE A 850 -6.38 -5.49 -27.69
C PHE A 850 -5.01 -5.76 -27.09
N ALA A 851 -4.11 -6.31 -27.89
CA ALA A 851 -2.74 -6.61 -27.43
C ALA A 851 -2.06 -5.28 -27.05
N LEU A 852 -2.36 -4.23 -27.81
CA LEU A 852 -1.77 -2.89 -27.57
C LEU A 852 -2.25 -2.37 -26.21
N ARG A 853 -3.53 -2.58 -25.90
CA ARG A 853 -4.05 -2.09 -24.61
C ARG A 853 -3.34 -2.82 -23.48
N LEU A 854 -3.12 -4.12 -23.63
CA LEU A 854 -2.43 -4.92 -22.62
C LEU A 854 -0.97 -4.48 -22.51
N ALA A 855 -0.34 -4.16 -23.64
CA ALA A 855 1.06 -3.70 -23.65
C ALA A 855 1.16 -2.40 -22.88
N LEU A 856 0.19 -1.51 -23.04
CA LEU A 856 0.18 -0.22 -22.32
C LEU A 856 0.01 -0.48 -20.83
N GLU A 857 -0.85 -1.41 -20.47
CA GLU A 857 -1.07 -1.72 -19.04
C GLU A 857 0.23 -2.24 -18.43
N GLU A 858 0.87 -3.19 -19.10
CA GLU A 858 2.11 -3.81 -18.58
C GLU A 858 3.21 -2.76 -18.45
N LYS A 859 3.36 -1.91 -19.44
CA LYS A 859 4.40 -0.85 -19.41
C LYS A 859 4.12 0.16 -18.30
N ARG A 860 2.88 0.57 -18.13
CA ARG A 860 2.51 1.55 -17.09
C ARG A 860 2.79 0.98 -15.69
N LEU A 861 2.44 -0.27 -15.45
CA LEU A 861 2.69 -0.91 -14.13
C LEU A 861 4.19 -0.94 -13.91
N ASN A 862 4.96 -1.26 -14.94
CA ASN A 862 6.43 -1.31 -14.80
C ASN A 862 6.96 0.09 -14.49
N LYS A 863 6.39 1.10 -15.11
CA LYS A 863 6.86 2.48 -14.88
C LYS A 863 6.58 2.88 -13.43
N VAL A 864 5.41 2.51 -12.92
CA VAL A 864 4.98 2.83 -11.53
C VAL A 864 5.91 2.13 -10.54
N LYS A 865 6.22 0.87 -10.77
CA LYS A 865 7.10 0.12 -9.87
C LYS A 865 8.48 0.79 -9.89
N SER A 866 8.93 1.17 -11.07
CA SER A 866 10.25 1.82 -11.23
C SER A 866 10.25 3.15 -10.48
N LYS A 867 9.20 3.93 -10.62
CA LYS A 867 9.14 5.25 -9.95
C LYS A 867 9.21 5.06 -8.44
N LYS A 868 8.51 4.08 -7.90
CA LYS A 868 8.53 3.84 -6.44
C LYS A 868 9.93 3.46 -5.99
N GLU A 869 10.56 2.54 -6.71
CA GLU A 869 11.91 2.07 -6.32
C GLU A 869 12.97 3.17 -6.43
N VAL A 870 12.96 3.95 -7.51
CA VAL A 870 13.96 5.05 -7.67
C VAL A 870 13.71 6.15 -6.65
N ILE A 871 12.47 6.49 -6.37
CA ILE A 871 12.24 7.55 -5.36
C ILE A 871 12.70 7.02 -4.00
N ALA A 872 12.39 5.76 -3.70
CA ALA A 872 12.76 5.15 -2.42
C ALA A 872 14.28 5.11 -2.27
N ASN A 873 14.97 4.79 -3.36
CA ASN A 873 16.45 4.71 -3.35
C ASN A 873 17.05 6.06 -2.99
N LYS A 874 16.52 7.14 -3.56
CA LYS A 874 17.04 8.50 -3.31
C LYS A 874 16.86 8.88 -1.85
N ILE A 875 15.69 8.60 -1.28
CA ILE A 875 15.42 8.93 0.14
C ILE A 875 16.35 8.12 1.03
N VAL A 876 16.51 6.85 0.75
CA VAL A 876 17.40 6.00 1.57
C VAL A 876 18.87 6.42 1.40
N ALA A 877 19.29 6.75 0.19
CA ALA A 877 20.70 7.16 -0.02
C ALA A 877 21.02 8.42 0.78
N LYS A 878 20.15 9.42 0.73
CA LYS A 878 20.39 10.67 1.46
C LYS A 878 20.42 10.39 2.96
N ALA A 879 19.52 9.54 3.44
CA ALA A 879 19.46 9.20 4.87
C ALA A 879 20.73 8.46 5.28
N LEU A 880 21.21 7.56 4.45
CA LEU A 880 22.46 6.82 4.75
C LEU A 880 23.62 7.80 4.76
N GLU A 881 23.61 8.76 3.84
CA GLU A 881 24.71 9.74 3.77
C GLU A 881 24.73 10.57 5.06
N LEU A 882 23.58 11.02 5.52
CA LEU A 882 23.48 11.79 6.78
C LEU A 882 23.87 10.92 7.98
N ARG A 883 23.47 9.65 7.97
CA ARG A 883 23.77 8.74 9.09
C ARG A 883 25.28 8.57 9.23
N ASP A 884 25.98 8.40 8.12
CA ASP A 884 27.44 8.24 8.20
C ASP A 884 28.06 9.52 8.75
N LYS A 885 27.59 10.68 8.29
CA LYS A 885 28.12 11.98 8.78
C LYS A 885 27.72 12.29 10.22
N TYR A 886 26.45 12.13 10.59
CA TYR A 886 26.01 12.57 11.93
C TYR A 886 25.65 11.44 12.90
N GLY A 887 24.98 10.40 12.44
CA GLY A 887 24.55 9.33 13.36
C GLY A 887 23.17 8.82 13.00
N PRO A 888 22.42 8.19 13.91
CA PRO A 888 21.12 7.63 13.58
C PRO A 888 20.19 8.69 12.98
N VAL A 889 19.44 8.29 11.96
CA VAL A 889 18.54 9.21 11.23
C VAL A 889 17.10 8.72 11.35
N LEU A 890 16.17 9.62 11.63
CA LEU A 890 14.74 9.27 11.65
C LEU A 890 14.14 9.86 10.37
N ILE A 891 13.64 9.04 9.47
CA ILE A 891 13.01 9.57 8.24
C ILE A 891 11.54 9.82 8.54
N LYS A 892 11.05 11.01 8.25
CA LYS A 892 9.65 11.33 8.53
C LYS A 892 8.94 11.58 7.20
N GLY A 893 7.82 10.90 7.00
CA GLY A 893 6.99 11.06 5.81
C GLY A 893 5.60 11.52 6.21
N GLU A 894 4.89 12.17 5.31
CA GLU A 894 3.51 12.59 5.62
C GLU A 894 2.62 11.36 5.66
N ASN A 895 1.65 11.33 6.57
CA ASN A 895 0.65 10.25 6.62
C ASN A 895 -0.46 10.69 5.68
N ILE A 896 -0.52 10.10 4.50
CA ILE A 896 -1.54 10.49 3.48
C ILE A 896 -2.57 9.38 3.37
N SER A 897 -3.85 9.69 3.51
CA SER A 897 -4.86 8.62 3.45
C SER A 897 -6.19 9.15 2.92
N ASP A 898 -6.97 8.26 2.34
CA ASP A 898 -8.36 8.57 1.92
C ASP A 898 -8.39 9.81 1.03
N THR A 899 -7.48 9.87 0.07
CA THR A 899 -7.36 10.97 -0.91
C THR A 899 -8.50 10.93 -1.92
N THR A 900 -8.84 9.75 -2.45
CA THR A 900 -9.92 9.62 -3.46
C THR A 900 -11.29 9.52 -2.76
N LYS A 901 -12.24 10.34 -3.18
CA LYS A 901 -13.56 10.34 -2.50
C LYS A 901 -14.67 10.50 -3.53
N LYS A 902 -15.83 9.93 -3.26
CA LYS A 902 -17.00 10.01 -4.17
C LYS A 902 -17.49 11.45 -4.23
N GLY A 903 -17.24 12.21 -3.17
CA GLY A 903 -17.65 13.60 -3.00
C GLY A 903 -16.86 14.59 -3.83
N LYS A 904 -15.79 14.13 -4.46
CA LYS A 904 -14.93 15.03 -5.26
C LYS A 904 -15.18 14.77 -6.74
N LYS A 905 -14.79 15.70 -7.59
CA LYS A 905 -15.01 15.49 -9.03
C LYS A 905 -14.10 14.36 -9.49
N SER A 906 -14.46 13.73 -10.60
CA SER A 906 -13.70 12.58 -11.15
C SER A 906 -12.29 13.02 -11.48
N SER A 907 -12.15 14.23 -12.01
CA SER A 907 -10.83 14.75 -12.43
C SER A 907 -9.91 14.87 -11.22
N THR A 908 -10.44 15.32 -10.09
CA THR A 908 -9.61 15.44 -8.88
C THR A 908 -9.14 14.05 -8.43
N ASN A 909 -10.06 13.10 -8.37
CA ASN A 909 -9.74 11.73 -7.93
C ASN A 909 -8.76 11.13 -8.92
N SER A 910 -8.94 11.40 -10.21
CA SER A 910 -8.07 10.87 -11.27
C SER A 910 -6.64 11.38 -11.11
N PHE A 911 -6.52 12.68 -10.88
CA PHE A 911 -5.22 13.36 -10.69
C PHE A 911 -4.54 12.83 -9.42
N LEU A 912 -5.33 12.68 -8.36
CA LEU A 912 -4.91 12.23 -7.01
C LEU A 912 -4.37 10.80 -7.03
N MET A 913 -4.83 9.99 -7.96
CA MET A 913 -4.43 8.56 -8.03
C MET A 913 -2.92 8.43 -8.30
N ASP A 914 -2.32 9.41 -8.94
CA ASP A 914 -0.90 9.30 -9.34
C ASP A 914 0.02 9.86 -8.26
N TRP A 915 -0.52 10.23 -7.11
CA TRP A 915 0.29 10.86 -6.07
C TRP A 915 1.41 9.89 -5.69
N LEU A 916 1.04 8.63 -5.45
CA LEU A 916 1.93 7.49 -5.15
C LEU A 916 2.66 7.71 -3.84
N ALA A 917 2.17 8.56 -2.96
CA ALA A 917 2.88 8.80 -1.68
C ALA A 917 2.94 7.55 -0.82
N ARG A 918 1.86 6.79 -0.72
CA ARG A 918 1.84 5.55 0.10
C ARG A 918 2.75 4.48 -0.48
N GLY A 919 2.69 4.27 -1.79
CA GLY A 919 3.53 3.25 -2.41
C GLY A 919 5.00 3.55 -2.20
N VAL A 920 5.39 4.81 -2.33
CA VAL A 920 6.80 5.20 -2.08
C VAL A 920 7.13 4.99 -0.61
N ALA A 921 6.23 5.42 0.27
CA ALA A 921 6.47 5.30 1.72
C ALA A 921 6.61 3.84 2.11
N ASN A 922 5.80 2.97 1.54
CA ASN A 922 5.85 1.52 1.84
C ASN A 922 7.18 0.94 1.40
N LYS A 923 7.69 1.33 0.25
CA LYS A 923 9.00 0.87 -0.25
C LYS A 923 10.10 1.39 0.67
N VAL A 924 10.00 2.63 1.12
CA VAL A 924 11.03 3.20 2.03
C VAL A 924 11.04 2.43 3.35
N LYS A 925 9.86 2.10 3.88
CA LYS A 925 9.76 1.35 5.16
C LYS A 925 10.45 0.01 5.01
N GLU A 926 10.23 -0.68 3.91
CA GLU A 926 10.87 -2.00 3.69
C GLU A 926 12.38 -1.85 3.56
N MET A 927 12.82 -0.87 2.79
CA MET A 927 14.26 -0.62 2.54
C MET A 927 14.95 -0.19 3.83
N VAL A 928 14.26 0.58 4.65
CA VAL A 928 14.81 1.12 5.93
C VAL A 928 15.14 -0.05 6.85
N MET A 929 14.38 -1.13 6.76
CA MET A 929 14.54 -2.32 7.61
C MET A 929 15.86 -3.04 7.34
N MET A 930 16.53 -2.73 6.23
CA MET A 930 17.80 -3.40 5.89
C MET A 930 19.00 -2.63 6.43
N HIS A 931 18.81 -1.43 6.97
CA HIS A 931 19.99 -0.64 7.41
C HIS A 931 19.93 -0.25 8.87
N GLN A 932 21.02 -0.45 9.59
CA GLN A 932 21.09 -0.01 11.01
C GLN A 932 21.19 1.51 11.03
N GLY A 933 20.66 2.16 12.06
CA GLY A 933 20.78 3.61 12.18
C GLY A 933 19.76 4.36 11.37
N LEU A 934 18.81 3.64 10.79
CA LEU A 934 17.73 4.25 9.98
C LEU A 934 16.38 3.89 10.59
N GLU A 935 15.48 4.86 10.71
CA GLU A 935 14.14 4.57 11.23
C GLU A 935 13.13 5.32 10.36
N PHE A 936 11.94 4.78 10.15
CA PHE A 936 10.93 5.52 9.35
C PHE A 936 9.61 5.61 10.10
N VAL A 937 9.02 6.79 10.15
CA VAL A 937 7.68 7.02 10.77
C VAL A 937 6.90 7.98 9.89
N GLU A 938 5.59 8.04 10.10
CA GLU A 938 4.76 8.97 9.32
C GLU A 938 4.15 9.96 10.29
N VAL A 939 3.89 11.17 9.83
CA VAL A 939 3.37 12.24 10.71
C VAL A 939 2.19 12.93 10.03
N ASN A 940 1.42 13.65 10.83
CA ASN A 940 0.26 14.38 10.32
C ASN A 940 0.79 15.45 9.37
N PRO A 941 0.29 15.52 8.13
CA PRO A 941 0.76 16.50 7.16
C PRO A 941 0.00 17.82 7.30
N ASN A 942 -0.86 17.91 8.30
CA ASN A 942 -1.71 19.09 8.47
C ASN A 942 -0.85 20.35 8.63
N PHE A 943 -1.11 21.33 7.78
CA PHE A 943 -0.52 22.69 7.79
C PHE A 943 0.95 22.70 7.42
N THR A 944 1.51 21.59 6.95
CA THR A 944 2.96 21.53 6.67
C THR A 944 3.32 22.44 5.50
N SER A 945 2.34 22.85 4.71
CA SER A 945 2.62 23.74 3.56
C SER A 945 2.52 25.21 4.00
N HIS A 946 2.08 25.48 5.22
CA HIS A 946 1.84 26.89 5.61
C HIS A 946 2.63 27.29 6.85
N GLN A 947 3.19 26.33 7.57
CA GLN A 947 3.97 26.68 8.78
C GLN A 947 5.30 27.31 8.38
N ASP A 948 5.75 28.29 9.18
CA ASP A 948 7.06 28.94 8.96
C ASP A 948 8.03 28.09 9.77
N PRO A 949 8.88 27.26 9.14
CA PRO A 949 9.73 26.36 9.89
C PRO A 949 10.68 27.07 10.85
N PHE A 950 10.76 26.52 12.06
CA PHE A 950 11.64 26.92 13.18
C PHE A 950 11.07 28.12 13.93
N VAL A 951 9.96 28.68 13.45
CA VAL A 951 9.29 29.82 14.12
C VAL A 951 7.95 29.32 14.66
N HIS A 952 7.23 28.59 13.82
CA HIS A 952 5.91 28.03 14.21
C HIS A 952 6.15 27.05 15.34
N LYS A 953 5.41 27.22 16.43
CA LYS A 953 5.46 26.37 17.64
C LYS A 953 6.70 26.73 18.45
N ASN A 954 7.47 27.73 18.02
CA ASN A 954 8.67 28.10 18.79
C ASN A 954 8.68 29.60 19.13
N PRO A 955 7.85 30.07 20.07
CA PRO A 955 6.76 29.27 20.62
C PRO A 955 5.35 29.59 20.12
N GLU A 956 5.19 30.56 19.23
CA GLU A 956 3.84 30.94 18.75
C GLU A 956 3.49 30.24 17.43
N ASN A 957 2.20 30.15 17.13
CA ASN A 957 1.78 29.55 15.85
C ASN A 957 2.17 30.55 14.76
N THR A 958 2.89 30.09 13.74
CA THR A 958 3.27 31.02 12.65
C THR A 958 2.85 30.40 11.32
N PHE A 959 1.81 30.94 10.70
CA PHE A 959 1.35 30.39 9.41
C PHE A 959 1.45 31.50 8.37
N ARG A 960 1.76 31.14 7.13
CA ARG A 960 1.83 32.14 6.04
C ARG A 960 1.34 31.51 4.74
N ALA A 961 0.83 32.35 3.84
CA ALA A 961 0.30 31.92 2.53
C ALA A 961 1.42 31.48 1.59
N ARG A 962 1.08 30.62 0.64
CA ARG A 962 2.02 30.21 -0.41
C ARG A 962 2.07 31.33 -1.44
N TYR A 963 3.15 31.43 -2.21
CA TYR A 963 3.24 32.58 -3.13
C TYR A 963 3.57 32.18 -4.56
N SER A 964 3.15 33.02 -5.49
CA SER A 964 3.41 32.87 -6.94
C SER A 964 4.32 34.02 -7.38
N ARG A 965 5.20 33.80 -8.35
CA ARG A 965 6.07 34.89 -8.84
C ARG A 965 6.00 34.96 -10.36
N CYS A 966 5.71 36.14 -10.89
CA CYS A 966 5.61 36.30 -12.36
C CYS A 966 5.81 37.78 -12.73
N THR A 967 5.96 38.04 -14.02
CA THR A 967 6.06 39.43 -14.51
C THR A 967 4.65 39.98 -14.68
N PRO A 968 4.44 41.29 -14.76
CA PRO A 968 3.11 41.86 -14.95
C PRO A 968 2.49 41.33 -16.25
N SER A 969 3.32 41.11 -17.24
CA SER A 969 2.85 40.62 -18.55
C SER A 969 2.22 39.24 -18.39
N GLU A 970 2.82 38.41 -17.53
CA GLU A 970 2.40 37.00 -17.27
C GLU A 970 1.12 36.93 -16.43
N LEU A 971 0.66 38.03 -15.84
CA LEU A 971 -0.55 38.00 -14.97
C LEU A 971 -1.75 37.54 -15.78
N THR A 972 -2.65 36.80 -15.15
CA THR A 972 -3.85 36.28 -15.84
C THR A 972 -5.09 36.74 -15.09
N GLU A 973 -6.24 36.64 -15.75
CA GLU A 973 -7.51 37.05 -15.12
C GLU A 973 -7.72 36.17 -13.88
N LYS A 974 -7.34 34.90 -13.97
CA LYS A 974 -7.47 33.97 -12.82
C LYS A 974 -6.63 34.50 -11.66
N ASN A 975 -5.42 34.97 -11.93
CA ASN A 975 -4.55 35.54 -10.87
C ASN A 975 -5.26 36.73 -10.23
N ARG A 976 -5.83 37.60 -11.04
CA ARG A 976 -6.49 38.81 -10.50
C ARG A 976 -7.68 38.40 -9.64
N LYS A 977 -8.51 37.50 -10.15
CA LYS A 977 -9.70 37.04 -9.39
C LYS A 977 -9.25 36.36 -8.10
N GLU A 978 -8.19 35.56 -8.17
CA GLU A 978 -7.74 34.85 -6.94
C GLU A 978 -7.32 35.85 -5.87
N ILE A 979 -6.60 36.91 -6.22
CA ILE A 979 -6.14 37.89 -5.19
C ILE A 979 -7.35 38.61 -4.59
N LEU A 980 -8.35 38.91 -5.41
CA LEU A 980 -9.54 39.62 -4.89
C LEU A 980 -10.32 38.68 -3.99
N SER A 981 -10.37 37.40 -4.35
CA SER A 981 -11.14 36.41 -3.54
C SER A 981 -10.64 36.42 -2.10
N PHE A 982 -9.35 36.63 -1.90
CA PHE A 982 -8.72 36.66 -0.56
C PHE A 982 -9.06 37.94 0.19
N LEU A 983 -9.58 38.95 -0.49
CA LEU A 983 -9.89 40.22 0.20
C LEU A 983 -11.39 40.29 0.48
N SER A 984 -12.07 39.17 0.24
CA SER A 984 -13.53 39.13 0.33
C SER A 984 -14.01 39.48 1.74
N ASP A 985 -13.33 38.92 2.74
CA ASP A 985 -13.67 39.11 4.17
C ASP A 985 -14.92 38.30 4.52
N LYS A 986 -15.40 37.51 3.56
CA LYS A 986 -16.49 36.56 3.85
C LYS A 986 -15.84 35.47 4.72
N PRO A 987 -16.50 34.94 5.76
CA PRO A 987 -15.88 33.96 6.65
C PRO A 987 -15.68 32.56 6.05
N SER A 988 -14.71 31.83 6.57
CA SER A 988 -14.47 30.48 6.04
C SER A 988 -14.19 29.51 7.18
N LYS A 989 -14.54 28.26 6.95
CA LYS A 989 -14.24 27.17 7.90
C LYS A 989 -12.84 26.64 7.59
N ARG A 990 -12.20 27.22 6.59
CA ARG A 990 -10.82 26.85 6.20
C ARG A 990 -9.87 27.76 6.96
N PRO A 991 -9.03 27.21 7.86
CA PRO A 991 -8.08 28.00 8.64
C PRO A 991 -7.05 28.70 7.75
N THR A 992 -6.70 28.08 6.62
CA THR A 992 -5.70 28.59 5.65
C THR A 992 -6.25 29.86 5.00
N ASN A 993 -7.55 30.04 5.02
CA ASN A 993 -8.15 31.23 4.37
C ASN A 993 -7.61 32.51 4.99
N ALA A 994 -7.40 32.52 6.30
CA ALA A 994 -6.88 33.73 6.97
C ALA A 994 -5.49 34.07 6.43
N TYR A 995 -4.65 33.06 6.22
CA TYR A 995 -3.27 33.30 5.75
C TYR A 995 -3.29 33.94 4.36
N TYR A 996 -4.16 33.45 3.49
CA TYR A 996 -4.28 34.03 2.13
C TYR A 996 -4.84 35.45 2.24
N ASN A 997 -5.73 35.68 3.19
CA ASN A 997 -6.29 37.04 3.36
C ASN A 997 -5.15 37.96 3.81
N GLU A 998 -4.38 37.53 4.79
CA GLU A 998 -3.26 38.35 5.30
C GLU A 998 -2.26 38.56 4.16
N GLY A 999 -2.06 37.54 3.34
CA GLY A 999 -1.13 37.66 2.21
C GLY A 999 -1.60 38.72 1.24
N ALA A 1000 -2.89 38.71 0.90
CA ALA A 1000 -3.49 39.70 -0.01
C ALA A 1000 -3.40 41.09 0.61
N MET A 1001 -3.62 41.19 1.92
CA MET A 1001 -3.54 42.51 2.60
C MET A 1001 -2.10 43.00 2.48
N ALA A 1002 -1.15 42.09 2.68
CA ALA A 1002 0.30 42.40 2.63
C ALA A 1002 0.68 42.84 1.22
N PHE A 1003 0.07 42.23 0.21
CA PHE A 1003 0.34 42.54 -1.21
C PHE A 1003 -0.06 43.98 -1.52
N LEU A 1004 -1.25 44.38 -1.08
CA LEU A 1004 -1.70 45.77 -1.34
C LEU A 1004 -0.78 46.76 -0.64
N ALA A 1005 -0.43 46.51 0.61
CA ALA A 1005 0.44 47.39 1.41
C ALA A 1005 1.86 47.46 0.85
N THR A 1006 2.38 46.35 0.36
CA THR A 1006 3.79 46.30 -0.08
C THR A 1006 3.97 47.06 -1.40
N TYR A 1007 2.96 47.04 -2.25
CA TYR A 1007 3.04 47.71 -3.57
C TYR A 1007 2.32 49.05 -3.53
N GLY A 1008 1.91 49.47 -2.34
CA GLY A 1008 1.21 50.75 -2.19
C GLY A 1008 -0.10 50.77 -2.94
N LEU A 1009 -0.84 49.67 -2.91
CA LEU A 1009 -2.12 49.62 -3.65
C LEU A 1009 -3.30 49.71 -2.67
N LYS A 1010 -4.50 49.69 -3.23
CA LYS A 1010 -5.79 49.72 -2.51
C LYS A 1010 -6.73 48.76 -3.24
N LYS A 1011 -7.78 48.27 -2.59
CA LYS A 1011 -8.70 47.29 -3.23
C LYS A 1011 -9.25 47.78 -4.57
N ASN A 1012 -9.58 49.08 -4.71
CA ASN A 1012 -10.14 49.67 -5.97
C ASN A 1012 -9.12 49.72 -7.10
N ASP A 1013 -7.81 49.53 -6.82
CA ASP A 1013 -6.77 49.44 -7.86
C ASP A 1013 -6.85 48.05 -8.50
N VAL A 1014 -7.41 47.07 -7.79
CA VAL A 1014 -7.50 45.69 -8.35
C VAL A 1014 -8.96 45.34 -8.59
N LEU A 1015 -9.85 45.73 -7.68
CA LEU A 1015 -11.29 45.39 -7.85
C LEU A 1015 -11.93 46.31 -8.87
N GLY A 1016 -12.50 45.74 -9.92
CA GLY A 1016 -13.16 46.56 -10.95
C GLY A 1016 -12.14 47.14 -11.92
N VAL A 1017 -10.96 46.55 -11.97
CA VAL A 1017 -9.91 47.06 -12.89
C VAL A 1017 -9.66 45.99 -13.96
N SER A 1018 -9.55 46.40 -15.21
CA SER A 1018 -9.29 45.44 -16.32
C SER A 1018 -7.92 44.76 -16.12
N LEU A 1019 -7.79 43.53 -16.56
CA LEU A 1019 -6.50 42.84 -16.40
C LEU A 1019 -5.43 43.74 -17.02
N GLU A 1020 -5.76 44.37 -18.14
CA GLU A 1020 -4.80 45.24 -18.84
C GLU A 1020 -4.43 46.39 -17.91
N LYS A 1021 -5.42 46.99 -17.26
CA LYS A 1021 -5.13 48.10 -16.33
C LYS A 1021 -4.31 47.56 -15.17
N PHE A 1022 -4.68 46.39 -14.67
CA PHE A 1022 -3.98 45.80 -13.51
C PHE A 1022 -2.51 45.53 -13.88
N LYS A 1023 -2.27 45.01 -15.07
CA LYS A 1023 -0.87 44.72 -15.46
C LYS A 1023 -0.05 46.00 -15.51
N GLN A 1024 -0.57 47.06 -16.13
CA GLN A 1024 0.18 48.34 -16.25
C GLN A 1024 0.45 48.92 -14.86
N ILE A 1025 -0.50 48.79 -13.94
CA ILE A 1025 -0.30 49.35 -12.59
C ILE A 1025 0.91 48.66 -11.96
N MET A 1026 0.95 47.35 -12.05
CA MET A 1026 2.06 46.55 -11.48
C MET A 1026 3.37 46.82 -12.22
N ALA A 1027 3.32 46.96 -13.54
CA ALA A 1027 4.56 47.26 -14.30
C ALA A 1027 5.09 48.63 -13.85
N ASN A 1028 4.20 49.61 -13.67
CA ASN A 1028 4.66 50.95 -13.25
C ASN A 1028 5.35 50.87 -11.90
N ILE A 1029 4.75 50.18 -10.95
CA ILE A 1029 5.34 50.07 -9.58
C ILE A 1029 6.67 49.34 -9.67
N LEU A 1030 6.70 48.22 -10.37
CA LEU A 1030 7.91 47.38 -10.50
C LEU A 1030 9.00 48.14 -11.25
N HIS A 1031 8.62 48.88 -12.29
CA HIS A 1031 9.61 49.65 -13.06
C HIS A 1031 10.26 50.71 -12.15
N GLN A 1032 9.46 51.37 -11.33
CA GLN A 1032 10.02 52.39 -10.40
C GLN A 1032 10.95 51.71 -9.41
N ARG A 1033 10.64 50.48 -9.02
CA ARG A 1033 11.43 49.74 -8.00
C ARG A 1033 12.56 48.93 -8.62
N SER A 1034 12.65 48.94 -9.96
CA SER A 1034 13.68 48.17 -10.69
C SER A 1034 13.58 46.69 -10.36
N GLU A 1035 12.36 46.18 -10.40
CA GLU A 1035 12.07 44.76 -10.10
C GLU A 1035 11.52 44.10 -11.36
N ASP A 1036 12.08 42.95 -11.68
CA ASP A 1036 11.66 42.13 -12.84
C ASP A 1036 10.28 41.49 -12.61
N GLN A 1037 10.03 40.94 -11.42
CA GLN A 1037 8.75 40.22 -11.16
C GLN A 1037 8.10 40.65 -9.85
N LEU A 1038 6.81 40.32 -9.70
CA LEU A 1038 6.03 40.61 -8.48
C LEU A 1038 5.64 39.30 -7.78
N LEU A 1039 5.41 39.35 -6.46
CA LEU A 1039 5.02 38.19 -5.63
C LEU A 1039 3.56 38.37 -5.21
N PHE A 1040 2.74 37.33 -5.31
CA PHE A 1040 1.34 37.42 -4.83
C PHE A 1040 0.92 36.10 -4.18
N PRO A 1041 0.06 36.12 -3.15
CA PRO A 1041 -0.35 34.91 -2.47
C PRO A 1041 -1.18 34.06 -3.43
N SER A 1042 -0.85 32.78 -3.55
CA SER A 1042 -1.59 31.88 -4.47
C SER A 1042 -1.68 30.50 -3.84
N ARG A 1043 -2.87 29.91 -3.83
CA ARG A 1043 -3.01 28.56 -3.25
C ARG A 1043 -2.17 27.64 -4.13
N GLY A 1044 -1.31 26.83 -3.51
CA GLY A 1044 -0.46 25.94 -4.30
C GLY A 1044 0.67 26.71 -4.96
N GLY A 1045 0.96 27.90 -4.44
CA GLY A 1045 2.04 28.73 -4.99
C GLY A 1045 3.37 28.04 -4.83
N MET A 1046 4.27 28.21 -5.79
CA MET A 1046 5.61 27.58 -5.81
C MET A 1046 6.51 28.10 -4.69
N PHE A 1047 6.24 29.29 -4.18
CA PHE A 1047 7.18 29.87 -3.20
C PHE A 1047 6.50 30.16 -1.88
N TYR A 1048 7.32 30.20 -0.84
CA TYR A 1048 6.88 30.51 0.53
C TYR A 1048 7.87 31.54 1.08
N LEU A 1049 7.40 32.57 1.77
CA LEU A 1049 8.34 33.56 2.33
C LEU A 1049 8.75 33.04 3.69
N ALA A 1050 9.95 32.46 3.80
CA ALA A 1050 10.41 31.86 5.07
C ALA A 1050 11.30 32.81 5.85
N THR A 1051 11.22 32.73 7.18
CA THR A 1051 12.03 33.55 8.09
C THR A 1051 13.51 33.22 7.94
N TYR A 1052 13.79 31.95 7.64
CA TYR A 1052 15.17 31.44 7.57
C TYR A 1052 15.47 31.00 6.15
N LYS A 1053 16.76 30.91 5.81
CA LYS A 1053 17.13 30.50 4.45
C LYS A 1053 17.11 28.97 4.44
N LEU A 1054 16.00 28.41 3.98
CA LEU A 1054 15.80 26.95 3.94
C LEU A 1054 15.94 26.44 2.51
N ASP A 1055 15.90 27.35 1.54
CA ASP A 1055 16.17 27.02 0.12
C ASP A 1055 17.55 27.60 -0.16
N ALA A 1056 18.47 26.82 -0.70
CA ALA A 1056 19.85 27.25 -0.97
C ALA A 1056 19.88 28.39 -1.99
N ASP A 1057 18.93 28.40 -2.91
CA ASP A 1057 18.85 29.40 -3.99
C ASP A 1057 17.94 30.54 -3.59
N ALA A 1058 17.54 30.60 -2.32
CA ALA A 1058 16.61 31.65 -1.88
C ALA A 1058 17.23 33.04 -1.98
N THR A 1059 16.41 34.02 -2.37
CA THR A 1059 16.82 35.44 -2.41
C THR A 1059 16.01 36.17 -1.33
N SER A 1060 16.65 37.08 -0.60
CA SER A 1060 15.99 37.87 0.47
C SER A 1060 15.00 38.85 -0.15
N VAL A 1061 13.94 39.19 0.57
CA VAL A 1061 12.95 40.15 0.03
C VAL A 1061 12.29 40.87 1.21
N ASN A 1062 11.85 42.10 1.01
CA ASN A 1062 11.18 42.79 2.13
C ASN A 1062 9.69 42.85 1.81
N TRP A 1063 8.91 42.02 2.51
CA TRP A 1063 7.44 41.94 2.30
C TRP A 1063 6.77 42.62 3.49
N ASN A 1064 6.00 43.66 3.20
CA ASN A 1064 5.23 44.43 4.21
C ASN A 1064 6.13 44.84 5.37
N GLY A 1065 7.33 45.29 5.09
CA GLY A 1065 8.22 45.76 6.16
C GLY A 1065 8.93 44.64 6.86
N LYS A 1066 8.72 43.41 6.41
CA LYS A 1066 9.39 42.26 7.07
C LYS A 1066 10.37 41.63 6.08
N GLN A 1067 11.51 41.16 6.58
CA GLN A 1067 12.51 40.53 5.69
C GLN A 1067 12.35 39.02 5.73
N PHE A 1068 12.09 38.42 4.57
CA PHE A 1068 11.88 36.97 4.44
C PHE A 1068 12.72 36.41 3.30
N TRP A 1069 12.94 35.12 3.33
CA TRP A 1069 13.68 34.45 2.22
C TRP A 1069 12.66 33.88 1.25
N VAL A 1070 12.79 34.12 -0.04
CA VAL A 1070 11.82 33.52 -0.99
C VAL A 1070 12.36 32.13 -1.29
N CYS A 1071 11.72 31.11 -0.74
CA CYS A 1071 12.19 29.71 -0.86
C CYS A 1071 11.17 28.88 -1.66
N ASN A 1072 11.60 27.73 -2.15
CA ASN A 1072 10.63 26.82 -2.80
C ASN A 1072 9.68 26.37 -1.70
N ALA A 1073 8.38 26.42 -1.93
CA ALA A 1073 7.39 26.06 -0.91
C ALA A 1073 7.55 24.60 -0.47
N ASP A 1074 7.82 23.69 -1.40
CA ASP A 1074 7.97 22.24 -1.10
C ASP A 1074 9.18 22.00 -0.20
N LEU A 1075 10.27 22.74 -0.40
CA LEU A 1075 11.47 22.61 0.45
C LEU A 1075 11.12 23.05 1.86
N VAL A 1076 10.29 24.09 1.95
CA VAL A 1076 9.82 24.59 3.27
C VAL A 1076 8.98 23.49 3.92
N ALA A 1077 8.15 22.83 3.13
CA ALA A 1077 7.25 21.75 3.59
C ALA A 1077 8.05 20.57 4.13
N ALA A 1078 9.14 20.19 3.49
CA ALA A 1078 9.97 19.05 3.95
C ALA A 1078 10.49 19.35 5.35
N TYR A 1079 10.89 20.60 5.59
CA TYR A 1079 11.38 20.99 6.94
C TYR A 1079 10.23 20.87 7.93
N ASN A 1080 9.05 21.30 7.53
CA ASN A 1080 7.84 21.27 8.37
C ASN A 1080 7.48 19.82 8.73
N VAL A 1081 7.56 18.91 7.77
CA VAL A 1081 7.24 17.47 8.00
C VAL A 1081 8.21 16.92 9.04
N GLY A 1082 9.47 17.33 8.94
CA GLY A 1082 10.52 16.91 9.89
C GLY A 1082 10.24 17.42 11.28
N LEU A 1083 9.57 18.56 11.39
CA LEU A 1083 9.34 19.20 12.70
C LEU A 1083 8.01 18.78 13.34
N VAL A 1084 7.20 17.96 12.67
CA VAL A 1084 5.89 17.63 13.32
C VAL A 1084 6.18 16.70 14.49
N ASP A 1085 5.77 17.13 15.68
CA ASP A 1085 5.91 16.36 16.94
C ASP A 1085 7.37 15.96 17.12
N ILE A 1086 8.28 16.86 16.79
CA ILE A 1086 9.75 16.63 16.86
C ILE A 1086 10.19 16.44 18.31
N GLN A 1087 9.47 17.02 19.27
CA GLN A 1087 9.82 16.88 20.70
C GLN A 1087 9.66 15.42 21.11
N LYS A 1088 8.64 14.75 20.56
CA LYS A 1088 8.31 13.33 20.84
C LYS A 1088 9.44 12.41 20.37
N ASP A 1089 10.24 12.84 19.39
CA ASP A 1089 11.31 11.98 18.83
C ASP A 1089 12.56 12.06 19.70
N PHE A 1090 12.57 12.94 20.70
CA PHE A 1090 13.79 13.06 21.55
C PHE A 1090 13.37 12.95 23.02
N LYS A 1091 12.20 12.34 23.25
CA LYS A 1091 11.63 12.14 24.59
C LYS A 1091 12.33 10.97 25.28
#